data_6XUB
#
_entry.id   6XUB
#
_cell.length_a   60.969
_cell.length_b   123.382
_cell.length_c   78.009
_cell.angle_alpha   90.000
_cell.angle_beta   98.710
_cell.angle_gamma   90.000
#
_symmetry.space_group_name_H-M   'P 1 21 1'
#
loop_
_entity.id
_entity.type
_entity.pdbx_description
1 polymer 'Chlorite dismutase'
2 non-polymer 'harderoheme (III)'
3 water water
#
_entity_poly.entity_id   1
_entity_poly.type   'polypeptide(L)'
_entity_poly.pdbx_seq_one_letter_code
;GPMAEKLNFEELNSMQRYSQFAVFRAIPGALGSDRAEIVAQAQSFFDGLETAGKVEVRGIYDLAGCRAEADFMIWWIAEE
FEEIQAAFARFRRETVLGQVSEVAWLGNSLHRPAEFNRSHLPSFIMGEIPGDWITVYPFVRSYDWYIMDPQKRRKILAEH
GQAARDFPDVRANTVPAFALGDYEWMLAFEAPRLDRIVDLMHKMRYTEARLHVREETPFFTGRRVSEVSELVNVLPG
;
_entity_poly.pdbx_strand_id   A,B,C,D,E
#
# COMPACT_ATOMS: atom_id res chain seq x y z
N ASN A 8 1.95 45.20 9.05
CA ASN A 8 1.41 44.40 7.96
C ASN A 8 0.92 43.03 8.45
N PHE A 9 -0.34 43.01 8.90
CA PHE A 9 -1.01 41.78 9.34
C PHE A 9 -0.27 41.09 10.48
N GLU A 10 0.35 41.87 11.36
CA GLU A 10 1.18 41.29 12.42
C GLU A 10 0.36 40.34 13.29
N GLU A 11 -0.81 40.80 13.75
CA GLU A 11 -1.60 40.03 14.70
C GLU A 11 -2.12 38.74 14.09
N LEU A 12 -2.69 38.80 12.90
CA LEU A 12 -3.17 37.58 12.24
C LEU A 12 -2.02 36.63 11.92
N ASN A 13 -0.82 37.14 11.63
CA ASN A 13 0.31 36.25 11.35
C ASN A 13 0.82 35.58 12.62
N SER A 14 0.71 36.29 13.76
CA SER A 14 1.23 35.87 15.06
C SER A 14 0.35 34.87 15.78
N MET A 15 -0.96 34.86 15.50
CA MET A 15 -1.89 34.07 16.30
C MET A 15 -1.60 32.58 16.11
N GLN A 16 -2.01 31.81 17.12
CA GLN A 16 -1.81 30.36 17.16
C GLN A 16 -3.15 29.68 16.93
N ARG A 17 -3.26 28.95 15.83
CA ARG A 17 -4.44 28.16 15.54
C ARG A 17 -4.01 26.85 14.89
N TYR A 18 -4.40 25.75 15.52
CA TYR A 18 -4.34 24.45 14.90
C TYR A 18 -5.61 24.19 14.10
N SER A 19 -5.46 23.45 13.02
CA SER A 19 -6.55 23.17 12.10
C SER A 19 -6.52 21.69 11.79
N GLN A 20 -7.67 21.04 11.92
CA GLN A 20 -7.75 19.63 11.60
C GLN A 20 -8.89 19.33 10.65
N PHE A 21 -8.57 18.59 9.59
CA PHE A 21 -9.56 17.94 8.74
C PHE A 21 -9.67 16.50 9.17
N ALA A 22 -10.84 16.12 9.68
CA ALA A 22 -11.05 14.76 10.17
C ALA A 22 -12.02 14.09 9.20
N VAL A 23 -11.53 13.10 8.47
CA VAL A 23 -12.30 12.40 7.45
C VAL A 23 -12.73 11.06 8.01
N PHE A 24 -14.05 10.82 7.96
CA PHE A 24 -14.63 9.56 8.43
C PHE A 24 -15.26 8.80 7.29
N ARG A 25 -15.30 7.49 7.48
CA ARG A 25 -15.98 6.53 6.62
C ARG A 25 -17.17 5.96 7.38
N ALA A 26 -18.28 5.76 6.68
CA ALA A 26 -19.44 5.12 7.26
C ALA A 26 -19.20 3.61 7.31
N ILE A 27 -19.51 3.00 8.45
CA ILE A 27 -19.40 1.54 8.59
C ILE A 27 -20.71 0.94 8.06
N PRO A 28 -20.70 0.30 6.89
CA PRO A 28 -21.97 -0.23 6.38
C PRO A 28 -22.61 -1.14 7.41
N GLY A 29 -23.93 -1.07 7.51
CA GLY A 29 -24.69 -1.78 8.50
C GLY A 29 -24.76 -1.13 9.87
N ALA A 30 -23.89 -0.17 10.19
CA ALA A 30 -23.87 0.35 11.55
C ALA A 30 -24.96 1.39 11.80
N LEU A 31 -25.18 2.32 10.88
CA LEU A 31 -26.00 3.49 11.19
C LEU A 31 -27.47 3.12 11.26
N GLY A 32 -27.93 2.31 10.31
CA GLY A 32 -29.33 1.91 10.30
C GLY A 32 -30.25 2.98 9.77
N SER A 33 -31.54 2.67 9.88
CA SER A 33 -32.66 3.44 9.39
C SER A 33 -33.16 4.52 10.38
N ASP A 34 -32.76 4.45 11.65
CA ASP A 34 -33.28 5.33 12.69
C ASP A 34 -32.27 6.42 12.97
N ARG A 35 -32.47 7.61 12.41
CA ARG A 35 -31.40 8.61 12.41
C ARG A 35 -31.75 9.92 13.08
N ALA A 36 -33.03 10.22 13.31
CA ALA A 36 -33.44 11.50 13.87
C ALA A 36 -32.75 11.79 15.21
N GLU A 37 -32.65 10.80 16.09
CA GLU A 37 -32.03 11.04 17.41
C GLU A 37 -30.50 11.06 17.33
N ILE A 38 -29.94 10.26 16.44
CA ILE A 38 -28.52 10.37 16.12
C ILE A 38 -28.20 11.79 15.66
N VAL A 39 -29.06 12.35 14.82
CA VAL A 39 -28.89 13.74 14.38
C VAL A 39 -28.99 14.69 15.55
N ALA A 40 -30.04 14.54 16.36
CA ALA A 40 -30.26 15.47 17.46
C ALA A 40 -29.08 15.44 18.41
N GLN A 41 -28.64 14.24 18.78
CA GLN A 41 -27.48 14.11 19.66
C GLN A 41 -26.23 14.71 19.05
N ALA A 42 -26.03 14.55 17.74
CA ALA A 42 -24.82 15.12 17.14
C ALA A 42 -24.88 16.63 17.13
N GLN A 43 -26.07 17.21 16.92
CA GLN A 43 -26.15 18.67 16.96
C GLN A 43 -25.93 19.18 18.37
N SER A 44 -26.36 18.41 19.39
CA SER A 44 -26.08 18.81 20.75
C SER A 44 -24.58 18.74 21.06
N PHE A 45 -23.88 17.73 20.54
CA PHE A 45 -22.42 17.71 20.68
C PHE A 45 -21.81 18.94 20.02
N PHE A 46 -22.26 19.29 18.82
CA PHE A 46 -21.68 20.44 18.15
C PHE A 46 -22.10 21.74 18.82
N ASP A 47 -23.31 21.83 19.35
CA ASP A 47 -23.65 23.06 20.05
C ASP A 47 -22.89 23.14 21.36
N GLY A 48 -22.66 22.00 22.03
CA GLY A 48 -21.81 21.98 23.20
C GLY A 48 -20.41 22.48 22.90
N LEU A 49 -19.90 22.24 21.70
CA LEU A 49 -18.57 22.72 21.34
C LEU A 49 -18.58 24.22 21.12
N GLU A 50 -19.63 24.74 20.45
CA GLU A 50 -19.71 26.17 20.22
C GLU A 50 -19.72 26.92 21.55
N THR A 51 -20.47 26.39 22.52
CA THR A 51 -20.69 27.13 23.76
C THR A 51 -19.46 27.12 24.65
N ALA A 52 -18.67 26.04 24.58
CA ALA A 52 -17.40 26.02 25.30
C ALA A 52 -16.39 26.99 24.69
N GLY A 53 -16.55 27.35 23.40
CA GLY A 53 -15.76 28.41 22.79
C GLY A 53 -14.31 28.08 22.49
N LYS A 54 -13.87 26.83 22.65
CA LYS A 54 -12.48 26.47 22.36
C LYS A 54 -12.29 25.95 20.94
N VAL A 55 -13.21 25.13 20.44
CA VAL A 55 -13.09 24.48 19.13
C VAL A 55 -14.13 25.10 18.21
N GLU A 56 -13.68 25.59 17.08
CA GLU A 56 -14.52 26.24 16.08
C GLU A 56 -14.73 25.27 14.92
N VAL A 57 -15.97 24.87 14.68
CA VAL A 57 -16.30 24.00 13.56
C VAL A 57 -16.53 24.88 12.34
N ARG A 58 -15.60 24.86 11.39
CA ARG A 58 -15.72 25.68 10.20
C ARG A 58 -16.66 25.05 9.19
N GLY A 59 -16.71 23.71 9.15
CA GLY A 59 -17.66 23.06 8.27
C GLY A 59 -17.75 21.58 8.53
N ILE A 60 -18.90 21.04 8.15
CA ILE A 60 -19.08 19.60 7.96
C ILE A 60 -19.41 19.38 6.48
N TYR A 61 -18.78 18.40 5.89
CA TYR A 61 -18.74 18.22 4.44
C TYR A 61 -19.24 16.84 4.06
N ASP A 62 -20.15 16.81 3.08
CA ASP A 62 -20.59 15.60 2.39
C ASP A 62 -19.57 15.29 1.30
N LEU A 63 -18.81 14.21 1.49
CA LEU A 63 -17.84 13.73 0.53
C LEU A 63 -18.37 12.58 -0.33
N ALA A 64 -19.67 12.28 -0.24
CA ALA A 64 -20.19 11.11 -0.91
C ALA A 64 -19.78 11.16 -2.39
N GLY A 65 -19.26 10.05 -2.90
CA GLY A 65 -18.89 10.01 -4.30
C GLY A 65 -17.53 10.54 -4.67
N CYS A 66 -16.79 11.12 -3.73
CA CYS A 66 -15.45 11.62 -4.03
C CYS A 66 -14.45 10.48 -4.20
N ARG A 67 -14.35 9.61 -3.20
CA ARG A 67 -13.41 8.49 -3.26
C ARG A 67 -13.95 7.31 -2.49
N ALA A 68 -13.44 6.13 -2.81
CA ALA A 68 -13.75 4.95 -2.01
C ALA A 68 -13.26 5.17 -0.58
N GLU A 69 -14.01 4.66 0.36
CA GLU A 69 -13.58 4.58 1.76
C GLU A 69 -13.50 5.95 2.46
N ALA A 70 -14.20 6.96 1.97
CA ALA A 70 -14.48 8.16 2.75
C ALA A 70 -15.90 8.64 2.48
N ASP A 71 -16.52 9.26 3.50
CA ASP A 71 -17.91 9.68 3.40
C ASP A 71 -18.17 11.09 3.92
N PHE A 72 -17.50 11.52 4.99
CA PHE A 72 -17.73 12.87 5.46
C PHE A 72 -16.52 13.40 6.21
N MET A 73 -16.52 14.69 6.43
CA MET A 73 -15.40 15.40 7.00
C MET A 73 -15.84 16.55 7.87
N ILE A 74 -15.16 16.65 9.02
CA ILE A 74 -15.29 17.74 9.95
C ILE A 74 -14.05 18.60 9.80
N TRP A 75 -14.21 19.90 9.60
CA TRP A 75 -13.10 20.84 9.65
C TRP A 75 -13.26 21.70 10.90
N TRP A 76 -12.36 21.55 11.88
CA TRP A 76 -12.46 22.36 13.09
C TRP A 76 -11.07 22.87 13.49
N ILE A 77 -11.10 23.93 14.27
CA ILE A 77 -9.96 24.80 14.51
C ILE A 77 -9.96 25.18 15.98
N ALA A 78 -8.77 25.25 16.58
CA ALA A 78 -8.67 25.57 17.99
C ALA A 78 -7.29 26.12 18.27
N GLU A 79 -7.22 26.95 19.32
CA GLU A 79 -5.94 27.56 19.66
C GLU A 79 -4.91 26.51 20.12
N GLU A 80 -5.35 25.44 20.76
CA GLU A 80 -4.44 24.44 21.30
C GLU A 80 -4.80 23.09 20.70
N PHE A 81 -3.79 22.35 20.26
CA PHE A 81 -4.06 21.04 19.66
C PHE A 81 -4.76 20.10 20.64
N GLU A 82 -4.50 20.22 21.96
CA GLU A 82 -5.14 19.29 22.89
C GLU A 82 -6.66 19.50 22.93
N GLU A 83 -7.12 20.71 22.62
CA GLU A 83 -8.56 20.97 22.47
C GLU A 83 -9.16 20.22 21.30
N ILE A 84 -8.47 20.19 20.15
CA ILE A 84 -8.92 19.36 19.03
C ILE A 84 -8.88 17.89 19.44
N GLN A 85 -7.77 17.43 20.05
CA GLN A 85 -7.70 16.04 20.45
C GLN A 85 -8.90 15.66 21.30
N ALA A 86 -9.26 16.52 22.27
CA ALA A 86 -10.39 16.21 23.16
C ALA A 86 -11.73 16.15 22.41
N ALA A 87 -11.98 17.12 21.54
CA ALA A 87 -13.23 17.12 20.77
C ALA A 87 -13.31 15.91 19.85
N PHE A 88 -12.22 15.64 19.11
CA PHE A 88 -12.13 14.46 18.26
C PHE A 88 -12.42 13.21 19.06
N ALA A 89 -11.78 13.06 20.23
CA ALA A 89 -12.04 11.88 21.04
C ALA A 89 -13.49 11.85 21.54
N ARG A 90 -14.02 13.01 21.95
CA ARG A 90 -15.39 13.05 22.48
C ARG A 90 -16.41 12.71 21.39
N PHE A 91 -16.17 13.17 20.16
CA PHE A 91 -17.05 12.82 19.04
C PHE A 91 -17.11 11.30 18.88
N ARG A 92 -15.93 10.67 18.82
CA ARG A 92 -15.85 9.23 18.65
C ARG A 92 -16.43 8.49 19.84
N ARG A 93 -16.24 9.03 21.03
CA ARG A 93 -16.58 8.31 22.25
C ARG A 93 -18.04 8.51 22.66
N GLU A 94 -18.55 9.75 22.60
CA GLU A 94 -19.78 10.11 23.29
C GLU A 94 -20.93 10.48 22.36
N THR A 95 -20.74 10.39 21.04
CA THR A 95 -21.85 10.48 20.12
C THR A 95 -22.00 9.17 19.35
N VAL A 96 -23.25 8.81 19.08
CA VAL A 96 -23.56 7.61 18.30
C VAL A 96 -23.00 7.73 16.89
N LEU A 97 -23.08 8.91 16.30
CA LEU A 97 -22.52 9.09 14.96
C LEU A 97 -21.04 8.74 14.94
N GLY A 98 -20.29 9.22 15.94
CA GLY A 98 -18.88 8.87 16.02
C GLY A 98 -18.70 7.39 16.27
N GLN A 99 -19.64 6.76 16.97
CA GLN A 99 -19.47 5.34 17.26
C GLN A 99 -19.73 4.46 16.04
N VAL A 100 -20.53 4.93 15.08
CA VAL A 100 -20.81 4.13 13.89
C VAL A 100 -20.02 4.62 12.69
N SER A 101 -19.03 5.47 12.90
CA SER A 101 -18.12 5.92 11.86
C SER A 101 -16.72 5.43 12.17
N GLU A 102 -15.92 5.36 11.13
CA GLU A 102 -14.53 4.92 11.15
C GLU A 102 -13.68 6.10 10.70
N VAL A 103 -12.61 6.39 11.41
CA VAL A 103 -11.63 7.39 10.98
C VAL A 103 -10.92 6.88 9.73
N ALA A 104 -10.95 7.69 8.66
CA ALA A 104 -10.28 7.35 7.42
C ALA A 104 -8.92 8.01 7.27
N TRP A 105 -8.81 9.27 7.67
CA TRP A 105 -7.67 10.13 7.41
C TRP A 105 -7.79 11.37 8.27
N LEU A 106 -6.67 11.84 8.78
CA LEU A 106 -6.64 13.07 9.55
C LEU A 106 -5.59 13.98 8.96
N GLY A 107 -5.96 15.24 8.70
CA GLY A 107 -5.02 16.23 8.22
C GLY A 107 -4.90 17.38 9.19
N ASN A 108 -3.77 17.45 9.91
CA ASN A 108 -3.52 18.42 10.95
C ASN A 108 -2.56 19.47 10.45
N SER A 109 -2.76 20.70 10.92
CA SER A 109 -1.90 21.81 10.54
C SER A 109 -1.86 22.87 11.65
N LEU A 110 -0.87 23.75 11.54
CA LEU A 110 -0.66 24.87 12.43
C LEU A 110 -0.34 26.12 11.62
N HIS A 111 -1.17 27.14 11.76
CA HIS A 111 -0.97 28.37 11.01
C HIS A 111 0.39 29.00 11.31
N ARG A 112 1.04 29.49 10.27
CA ARG A 112 2.30 30.22 10.41
C ARG A 112 2.34 31.32 9.36
N PRO A 113 3.09 32.40 9.62
CA PRO A 113 3.29 33.40 8.56
C PRO A 113 3.96 32.79 7.35
N ALA A 114 3.61 33.31 6.18
CA ALA A 114 4.26 32.90 4.95
C ALA A 114 5.74 33.31 4.95
N GLU A 115 6.53 32.56 4.19
CA GLU A 115 7.96 32.79 4.13
C GLU A 115 8.30 34.14 3.53
N PHE A 116 7.62 34.55 2.46
CA PHE A 116 8.00 35.80 1.79
C PHE A 116 6.89 36.84 1.82
N ASN A 117 5.68 36.46 1.46
CA ASN A 117 4.55 37.38 1.35
C ASN A 117 3.69 37.27 2.60
N ARG A 118 3.96 38.16 3.58
CA ARG A 118 3.20 38.23 4.84
C ARG A 118 1.75 38.67 4.68
N SER A 119 1.33 39.00 3.47
CA SER A 119 -0.07 39.27 3.17
C SER A 119 -0.84 38.01 2.80
N HIS A 120 -0.15 36.89 2.57
CA HIS A 120 -0.78 35.62 2.26
C HIS A 120 -1.19 34.97 3.58
N LEU A 121 -2.50 34.86 3.80
CA LEU A 121 -3.01 34.31 5.07
C LEU A 121 -4.15 33.36 4.77
N PRO A 122 -4.31 32.29 5.52
CA PRO A 122 -5.42 31.37 5.25
C PRO A 122 -6.77 32.05 5.33
N SER A 123 -7.70 31.57 4.50
CA SER A 123 -9.08 32.07 4.51
C SER A 123 -9.68 32.02 5.91
N PHE A 124 -9.47 30.92 6.63
CA PHE A 124 -10.08 30.83 7.96
C PHE A 124 -9.43 31.80 8.94
N ILE A 125 -8.17 32.13 8.74
CA ILE A 125 -7.50 33.11 9.63
C ILE A 125 -8.02 34.52 9.38
N MET A 126 -8.38 34.83 8.14
CA MET A 126 -8.91 36.15 7.85
C MET A 126 -10.37 36.25 8.21
N GLY A 127 -10.95 35.19 8.75
CA GLY A 127 -12.33 35.23 9.15
C GLY A 127 -13.30 35.19 8.01
N GLU A 128 -12.85 34.79 6.84
CA GLU A 128 -13.73 34.72 5.69
C GLU A 128 -14.75 33.62 5.88
N ILE A 129 -15.94 33.85 5.35
CA ILE A 129 -17.00 32.85 5.34
C ILE A 129 -16.53 31.61 4.59
N PRO A 130 -16.77 30.42 5.12
CA PRO A 130 -16.37 29.20 4.40
C PRO A 130 -17.17 29.02 3.12
N GLY A 131 -16.49 28.42 2.14
CA GLY A 131 -17.08 28.18 0.83
C GLY A 131 -18.02 26.99 0.81
N ASP A 132 -18.94 27.02 -0.16
CA ASP A 132 -19.93 25.95 -0.31
C ASP A 132 -19.28 24.62 -0.70
N TRP A 133 -18.12 24.65 -1.38
CA TRP A 133 -17.44 23.47 -1.90
C TRP A 133 -15.99 23.57 -1.47
N ILE A 134 -15.36 22.41 -1.20
CA ILE A 134 -13.99 22.39 -0.70
C ILE A 134 -13.22 21.25 -1.35
N THR A 135 -11.92 21.46 -1.53
CA THR A 135 -11.03 20.32 -1.75
C THR A 135 -9.88 20.44 -0.76
N VAL A 136 -9.56 19.32 -0.13
CA VAL A 136 -8.52 19.27 0.89
C VAL A 136 -7.52 18.20 0.47
N TYR A 137 -6.23 18.50 0.58
CA TYR A 137 -5.20 17.49 0.38
C TYR A 137 -3.91 17.88 1.07
N PRO A 138 -3.10 16.91 1.44
CA PRO A 138 -1.75 17.21 1.97
C PRO A 138 -0.77 17.49 0.85
N PHE A 139 0.37 18.05 1.26
CA PHE A 139 1.43 18.45 0.35
C PHE A 139 2.82 18.22 0.93
N VAL A 140 3.71 17.75 0.05
CA VAL A 140 5.12 17.54 0.42
C VAL A 140 5.92 18.07 -0.76
N ARG A 141 6.81 19.02 -0.50
CA ARG A 141 7.68 19.58 -1.52
C ARG A 141 8.87 18.67 -1.82
N SER A 142 9.56 18.99 -2.91
CA SER A 142 10.80 18.30 -3.22
C SER A 142 11.80 18.47 -2.07
N TYR A 143 12.75 17.52 -1.98
CA TYR A 143 13.79 17.62 -0.96
C TYR A 143 14.64 18.89 -1.14
N ASP A 144 14.85 19.35 -2.39
CA ASP A 144 15.69 20.52 -2.61
C ASP A 144 14.98 21.87 -2.43
N TRP A 145 13.69 21.88 -2.11
CA TRP A 145 12.91 23.12 -2.21
C TRP A 145 13.36 24.18 -1.21
N TYR A 146 13.53 23.78 0.06
CA TYR A 146 13.77 24.74 1.13
C TYR A 146 15.21 25.25 1.12
N ILE A 147 16.14 24.46 0.60
CA ILE A 147 17.53 24.90 0.53
C ILE A 147 17.82 25.69 -0.72
N MET A 148 16.87 25.78 -1.64
CA MET A 148 17.04 26.59 -2.85
C MET A 148 17.41 28.01 -2.46
N ASP A 149 18.21 28.68 -3.27
CA ASP A 149 18.53 30.07 -2.96
C ASP A 149 17.23 30.84 -2.73
N PRO A 150 17.07 31.57 -1.61
CA PRO A 150 15.76 32.14 -1.27
C PRO A 150 15.19 33.06 -2.33
N GLN A 151 16.01 33.90 -2.95
CA GLN A 151 15.45 34.75 -4.01
C GLN A 151 14.89 33.91 -5.15
N LYS A 152 15.41 32.71 -5.38
CA LYS A 152 14.84 31.92 -6.48
C LYS A 152 13.53 31.24 -6.08
N ARG A 153 13.44 30.78 -4.82
CA ARG A 153 12.17 30.25 -4.31
C ARG A 153 11.11 31.37 -4.26
N ARG A 154 11.50 32.56 -3.82
CA ARG A 154 10.58 33.68 -3.74
C ARG A 154 9.99 33.99 -5.12
N LYS A 155 10.86 34.04 -6.14
CA LYS A 155 10.40 34.27 -7.50
C LYS A 155 9.45 33.17 -7.95
N ILE A 156 9.78 31.90 -7.67
CA ILE A 156 8.88 30.81 -8.08
C ILE A 156 7.52 30.94 -7.37
N LEU A 157 7.54 31.28 -6.07
CA LEU A 157 6.27 31.42 -5.38
C LEU A 157 5.52 32.68 -5.82
N ALA A 158 6.23 33.77 -6.16
CA ALA A 158 5.51 34.92 -6.70
C ALA A 158 4.81 34.54 -8.01
N GLU A 159 5.53 33.85 -8.91
CA GLU A 159 4.92 33.42 -10.16
C GLU A 159 3.79 32.45 -9.89
N HIS A 160 3.91 31.64 -8.85
CA HIS A 160 2.85 30.70 -8.51
C HIS A 160 1.61 31.44 -8.03
N GLY A 161 1.78 32.49 -7.23
CA GLY A 161 0.66 33.31 -6.84
C GLY A 161 0.02 34.03 -8.02
N GLN A 162 0.84 34.57 -8.92
CA GLN A 162 0.32 35.23 -10.13
C GLN A 162 -0.56 34.30 -10.95
N ALA A 163 -0.25 33.01 -10.96
CA ALA A 163 -1.00 32.05 -11.78
C ALA A 163 -2.41 31.87 -11.27
N ALA A 164 -2.68 32.21 -9.99
CA ALA A 164 -4.01 32.12 -9.42
C ALA A 164 -4.83 33.38 -9.58
N ARG A 165 -4.35 34.37 -10.33
CA ARG A 165 -4.95 35.70 -10.20
C ARG A 165 -6.40 35.74 -10.70
N ASP A 166 -6.77 34.90 -11.68
CA ASP A 166 -8.11 34.88 -12.21
C ASP A 166 -9.09 34.07 -11.38
N PHE A 167 -8.66 33.60 -10.21
CA PHE A 167 -9.56 32.84 -9.35
C PHE A 167 -9.66 33.46 -7.97
N PRO A 168 -9.98 34.75 -7.85
CA PRO A 168 -10.16 35.33 -6.51
C PRO A 168 -11.34 34.71 -5.74
N ASP A 169 -12.26 34.04 -6.43
CA ASP A 169 -13.40 33.41 -5.79
C ASP A 169 -13.04 32.09 -5.08
N VAL A 170 -11.88 31.52 -5.38
CA VAL A 170 -11.43 30.27 -4.76
C VAL A 170 -10.45 30.69 -3.68
N ARG A 171 -10.81 30.47 -2.42
CA ARG A 171 -10.04 30.98 -1.31
C ARG A 171 -9.10 29.88 -0.80
N ALA A 172 -7.84 30.24 -0.64
CA ALA A 172 -6.78 29.31 -0.28
C ALA A 172 -6.54 29.25 1.22
N ASN A 173 -6.13 28.05 1.68
CA ASN A 173 -5.68 27.82 3.06
C ASN A 173 -4.42 26.95 2.93
N THR A 174 -3.24 27.55 2.95
CA THR A 174 -1.99 26.80 2.86
C THR A 174 -1.31 26.88 4.23
N VAL A 175 -1.19 25.74 4.90
CA VAL A 175 -0.94 25.74 6.34
C VAL A 175 0.12 24.70 6.68
N PRO A 176 1.15 25.06 7.43
CA PRO A 176 2.20 24.07 7.77
C PRO A 176 1.65 22.88 8.52
N ALA A 177 2.18 21.71 8.19
CA ALA A 177 1.75 20.45 8.78
C ALA A 177 2.91 19.65 9.34
N PHE A 178 4.11 20.20 9.33
CA PHE A 178 5.30 19.49 9.77
C PHE A 178 5.10 18.92 11.18
N ALA A 179 5.39 17.63 11.34
CA ALA A 179 5.32 16.94 12.64
C ALA A 179 3.90 16.71 13.15
N LEU A 180 2.87 17.01 12.36
CA LEU A 180 1.49 16.76 12.78
C LEU A 180 0.89 15.62 11.98
N GLY A 181 1.76 14.83 11.39
CA GLY A 181 1.42 13.72 10.54
C GLY A 181 2.54 13.58 9.52
N ASP A 182 2.22 12.97 8.39
CA ASP A 182 3.23 12.57 7.41
C ASP A 182 3.60 13.64 6.39
N TYR A 183 3.16 14.89 6.56
CA TYR A 183 3.17 15.84 5.45
C TYR A 183 3.86 17.12 5.86
N GLU A 184 4.04 18.00 4.87
CA GLU A 184 4.66 19.29 5.14
C GLU A 184 3.64 20.43 5.18
N TRP A 185 2.59 20.34 4.38
CA TRP A 185 1.55 21.36 4.35
C TRP A 185 0.18 20.68 4.28
N MET A 186 -0.81 21.42 4.75
CA MET A 186 -2.22 21.06 4.63
C MET A 186 -2.86 22.13 3.77
N LEU A 187 -3.45 21.72 2.65
CA LEU A 187 -4.04 22.65 1.70
C LEU A 187 -5.56 22.49 1.66
N ALA A 188 -6.26 23.60 1.61
CA ALA A 188 -7.70 23.52 1.43
C ALA A 188 -8.13 24.71 0.61
N PHE A 189 -8.91 24.42 -0.43
CA PHE A 189 -9.42 25.45 -1.36
C PHE A 189 -10.93 25.42 -1.30
N GLU A 190 -11.53 26.58 -1.00
CA GLU A 190 -12.97 26.68 -0.81
C GLU A 190 -13.54 27.66 -1.81
N ALA A 191 -14.75 27.38 -2.33
CA ALA A 191 -15.29 28.22 -3.41
C ALA A 191 -16.80 28.02 -3.52
N PRO A 192 -17.50 28.97 -4.16
CA PRO A 192 -18.93 28.78 -4.42
C PRO A 192 -19.21 27.63 -5.36
N ARG A 193 -18.31 27.36 -6.30
CA ARG A 193 -18.57 26.37 -7.36
C ARG A 193 -17.45 25.36 -7.45
N LEU A 194 -17.81 24.08 -7.45
CA LEU A 194 -16.80 23.03 -7.58
C LEU A 194 -16.00 23.17 -8.88
N ASP A 195 -16.66 23.58 -9.97
CA ASP A 195 -15.95 23.63 -11.24
C ASP A 195 -14.85 24.68 -11.22
N ARG A 196 -14.96 25.70 -10.36
CA ARG A 196 -13.88 26.68 -10.29
C ARG A 196 -12.67 26.11 -9.54
N ILE A 197 -12.91 25.17 -8.63
CA ILE A 197 -11.77 24.50 -7.98
C ILE A 197 -11.03 23.62 -8.97
N VAL A 198 -11.77 22.84 -9.77
CA VAL A 198 -11.15 22.00 -10.81
C VAL A 198 -10.30 22.86 -11.74
N ASP A 199 -10.88 23.97 -12.20
CA ASP A 199 -10.19 24.83 -13.15
C ASP A 199 -8.98 25.49 -12.53
N LEU A 200 -9.07 25.90 -11.26
CA LEU A 200 -7.91 26.47 -10.60
C LEU A 200 -6.77 25.46 -10.52
N MET A 201 -7.09 24.23 -10.14
CA MET A 201 -6.05 23.22 -10.02
C MET A 201 -5.40 22.94 -11.35
N HIS A 202 -6.20 22.91 -12.41
CA HIS A 202 -5.66 22.71 -13.75
C HIS A 202 -4.72 23.84 -14.10
N LYS A 203 -5.14 25.08 -13.83
CA LYS A 203 -4.33 26.22 -14.20
C LYS A 203 -3.04 26.28 -13.42
N MET A 204 -3.07 25.90 -12.15
CA MET A 204 -1.89 25.95 -11.31
C MET A 204 -0.85 24.91 -11.72
N ARG A 205 -1.19 23.96 -12.61
CA ARG A 205 -0.15 23.07 -13.14
C ARG A 205 0.84 23.83 -14.01
N TYR A 206 0.47 25.02 -14.48
CA TYR A 206 1.26 25.81 -15.42
C TYR A 206 2.20 26.75 -14.65
N THR A 207 2.96 26.19 -13.70
CA THR A 207 3.94 26.93 -12.92
C THR A 207 5.21 26.10 -12.70
N GLU A 208 6.30 26.82 -12.48
CA GLU A 208 7.59 26.20 -12.22
C GLU A 208 7.60 25.52 -10.86
N ALA A 209 6.75 25.96 -9.93
CA ALA A 209 6.67 25.30 -8.62
C ALA A 209 6.33 23.83 -8.78
N ARG A 210 5.68 23.44 -9.86
CA ARG A 210 5.31 22.04 -10.05
C ARG A 210 6.53 21.13 -10.18
N LEU A 211 7.68 21.69 -10.52
CA LEU A 211 8.92 20.93 -10.62
C LEU A 211 9.52 20.63 -9.25
N HIS A 212 8.82 20.97 -8.18
CA HIS A 212 9.39 20.88 -6.82
C HIS A 212 8.35 20.29 -5.87
N VAL A 213 7.75 19.17 -6.32
CA VAL A 213 6.67 18.51 -5.64
C VAL A 213 7.01 17.03 -5.47
N ARG A 214 6.74 16.48 -4.27
CA ARG A 214 6.86 15.04 -4.07
C ARG A 214 5.56 14.31 -3.80
N GLU A 215 4.61 14.94 -3.14
CA GLU A 215 3.37 14.25 -2.76
C GLU A 215 2.24 15.27 -2.65
N GLU A 216 1.00 14.82 -2.97
CA GLU A 216 -0.15 15.74 -2.91
C GLU A 216 -1.46 14.97 -2.85
N THR A 217 -1.46 13.73 -2.38
CA THR A 217 -2.66 12.92 -2.21
C THR A 217 -2.60 12.28 -0.82
N PRO A 218 -3.75 11.89 -0.27
CA PRO A 218 -5.08 11.90 -0.89
C PRO A 218 -5.84 13.23 -0.88
N PHE A 219 -6.66 13.35 -1.93
CA PHE A 219 -7.62 14.41 -2.07
C PHE A 219 -8.96 14.10 -1.43
N PHE A 220 -9.57 15.12 -0.83
CA PHE A 220 -10.94 14.99 -0.32
C PHE A 220 -11.72 16.22 -0.77
N THR A 221 -12.84 15.95 -1.40
CA THR A 221 -13.61 16.99 -2.10
C THR A 221 -15.08 16.81 -1.77
N GLY A 222 -15.77 17.89 -1.41
CA GLY A 222 -17.17 17.74 -1.13
C GLY A 222 -17.87 19.04 -0.81
N ARG A 223 -19.10 18.89 -0.36
CA ARG A 223 -20.06 19.98 -0.24
C ARG A 223 -20.29 20.27 1.23
N ARG A 224 -20.14 21.53 1.62
CA ARG A 224 -20.42 21.94 3.00
C ARG A 224 -21.91 21.88 3.28
N VAL A 225 -22.29 21.20 4.32
CA VAL A 225 -23.71 21.10 4.66
C VAL A 225 -24.13 22.26 5.56
N SER A 226 -25.43 22.51 5.58
CA SER A 226 -26.01 23.53 6.46
C SER A 226 -26.18 22.98 7.86
N GLU A 227 -26.60 21.72 7.97
CA GLU A 227 -26.96 21.14 9.25
C GLU A 227 -26.64 19.65 9.23
N VAL A 228 -26.43 19.08 10.41
CA VAL A 228 -26.00 17.70 10.49
C VAL A 228 -26.98 16.81 9.74
N SER A 229 -28.26 17.18 9.78
CA SER A 229 -29.30 16.37 9.17
C SER A 229 -29.01 16.07 7.70
N GLU A 230 -28.56 17.07 6.94
CA GLU A 230 -28.29 16.86 5.54
C GLU A 230 -27.23 15.79 5.33
N LEU A 231 -26.23 15.73 6.23
CA LEU A 231 -25.20 14.72 6.08
C LEU A 231 -25.70 13.36 6.53
N VAL A 232 -26.21 13.29 7.76
CA VAL A 232 -26.56 12.00 8.34
C VAL A 232 -27.56 11.29 7.45
N ASN A 233 -28.50 12.04 6.88
CA ASN A 233 -29.53 11.39 6.08
C ASN A 233 -28.98 10.82 4.77
N VAL A 234 -27.82 11.24 4.26
CA VAL A 234 -27.37 10.62 3.02
C VAL A 234 -26.48 9.37 3.25
N LEU A 235 -25.98 9.18 4.45
CA LEU A 235 -25.01 8.11 4.67
C LEU A 235 -25.66 6.75 4.45
N PRO A 236 -24.86 5.75 4.06
CA PRO A 236 -25.40 4.39 3.99
C PRO A 236 -25.64 3.85 5.39
N GLY A 237 -26.69 3.08 5.53
CA GLY A 237 -27.09 2.58 6.84
C GLY A 237 -26.33 1.32 7.21
N LEU B 7 35.01 14.59 25.06
CA LEU B 7 35.02 13.23 25.58
C LEU B 7 34.71 13.25 27.08
N ASN B 8 33.54 13.79 27.42
CA ASN B 8 33.06 13.84 28.79
C ASN B 8 31.82 12.97 28.98
N PHE B 9 31.61 11.99 28.09
CA PHE B 9 30.39 11.20 28.08
C PHE B 9 30.68 9.74 27.72
N GLU B 10 31.83 9.21 28.08
CA GLU B 10 32.18 7.90 27.53
C GLU B 10 31.36 6.77 28.16
N GLU B 11 30.95 6.90 29.43
CA GLU B 11 30.10 5.85 30.01
C GLU B 11 28.72 5.83 29.37
N LEU B 12 28.08 7.01 29.21
CA LEU B 12 26.76 7.04 28.62
C LEU B 12 26.84 6.63 27.16
N ASN B 13 27.95 6.92 26.50
CA ASN B 13 28.08 6.50 25.11
C ASN B 13 28.15 4.98 25.01
N SER B 14 28.68 4.30 26.03
CA SER B 14 28.90 2.87 25.93
C SER B 14 27.77 2.05 26.51
N MET B 15 26.80 2.69 27.17
CA MET B 15 25.67 1.99 27.78
C MET B 15 24.85 1.26 26.74
N GLN B 16 24.32 0.08 27.13
CA GLN B 16 23.40 -0.68 26.27
C GLN B 16 21.95 -0.46 26.70
N ARG B 17 21.15 0.16 25.83
CA ARG B 17 19.73 0.34 26.11
C ARG B 17 18.96 0.21 24.81
N TYR B 18 18.00 -0.70 24.79
CA TYR B 18 16.99 -0.73 23.74
C TYR B 18 15.83 0.17 24.11
N SER B 19 15.13 0.66 23.08
CA SER B 19 14.05 1.63 23.20
C SER B 19 13.00 1.22 22.18
N GLN B 20 11.76 1.07 22.61
CA GLN B 20 10.66 0.71 21.72
C GLN B 20 9.51 1.68 21.87
N PHE B 21 8.99 2.12 20.74
CA PHE B 21 7.75 2.87 20.68
C PHE B 21 6.70 1.88 20.20
N ALA B 22 5.75 1.52 21.07
CA ALA B 22 4.70 0.57 20.75
C ALA B 22 3.40 1.35 20.58
N VAL B 23 2.89 1.37 19.36
CA VAL B 23 1.70 2.13 19.02
C VAL B 23 0.52 1.18 18.84
N PHE B 24 -0.57 1.51 19.54
CA PHE B 24 -1.79 0.70 19.56
C PHE B 24 -2.97 1.48 19.02
N ARG B 25 -3.98 0.72 18.52
CA ARG B 25 -5.25 1.23 18.02
C ARG B 25 -6.38 0.61 18.85
N ALA B 26 -7.29 1.45 19.32
CA ALA B 26 -8.46 0.98 20.05
C ALA B 26 -9.40 0.23 19.11
N ILE B 27 -10.05 -0.80 19.62
CA ILE B 27 -11.02 -1.58 18.85
C ILE B 27 -12.40 -1.09 19.20
N PRO B 28 -13.12 -0.38 18.31
CA PRO B 28 -14.43 0.18 18.69
C PRO B 28 -15.36 -0.89 19.24
N GLY B 29 -15.96 -0.57 20.38
CA GLY B 29 -16.91 -1.47 20.99
C GLY B 29 -16.32 -2.47 21.95
N ALA B 30 -14.99 -2.49 22.09
CA ALA B 30 -14.36 -3.50 22.93
C ALA B 30 -14.19 -3.08 24.39
N LEU B 31 -13.92 -1.79 24.65
CA LEU B 31 -13.69 -1.35 26.02
C LEU B 31 -14.99 -1.24 26.83
N GLY B 32 -16.06 -0.77 26.20
CA GLY B 32 -17.26 -0.45 26.94
C GLY B 32 -17.10 0.85 27.71
N SER B 33 -18.03 1.10 28.61
CA SER B 33 -18.08 2.37 29.34
C SER B 33 -17.76 2.24 30.82
N ASP B 34 -17.68 1.04 31.37
CA ASP B 34 -17.18 0.86 32.73
C ASP B 34 -15.75 0.34 32.58
N ARG B 35 -14.80 1.23 32.80
CA ARG B 35 -13.39 0.98 32.54
C ARG B 35 -12.56 0.95 33.80
N ALA B 36 -13.20 1.06 34.97
CA ALA B 36 -12.47 1.14 36.23
C ALA B 36 -11.62 -0.10 36.46
N GLU B 37 -12.19 -1.29 36.21
CA GLU B 37 -11.46 -2.55 36.36
C GLU B 37 -10.29 -2.65 35.38
N ILE B 38 -10.51 -2.23 34.13
CA ILE B 38 -9.46 -2.30 33.12
C ILE B 38 -8.33 -1.37 33.49
N VAL B 39 -8.67 -0.18 33.99
CA VAL B 39 -7.67 0.77 34.46
C VAL B 39 -6.85 0.17 35.59
N ALA B 40 -7.51 -0.31 36.64
CA ALA B 40 -6.78 -0.86 37.78
C ALA B 40 -5.87 -2.01 37.35
N GLN B 41 -6.38 -2.88 36.46
CA GLN B 41 -5.57 -3.98 35.94
C GLN B 41 -4.36 -3.46 35.19
N ALA B 42 -4.54 -2.44 34.35
CA ALA B 42 -3.45 -1.89 33.57
C ALA B 42 -2.43 -1.19 34.47
N GLN B 43 -2.91 -0.36 35.40
CA GLN B 43 -2.00 0.24 36.37
C GLN B 43 -1.20 -0.83 37.09
N SER B 44 -1.84 -1.93 37.46
CA SER B 44 -1.10 -3.01 38.13
C SER B 44 -0.01 -3.57 37.24
N PHE B 45 -0.31 -3.72 35.94
CA PHE B 45 0.69 -4.24 35.01
C PHE B 45 1.93 -3.35 35.00
N PHE B 46 1.71 -2.02 34.92
CA PHE B 46 2.81 -1.06 34.90
C PHE B 46 3.53 -0.95 36.24
N ASP B 47 2.78 -1.07 37.35
CA ASP B 47 3.43 -1.11 38.66
C ASP B 47 4.38 -2.29 38.74
N GLY B 48 3.96 -3.45 38.22
CA GLY B 48 4.82 -4.62 38.22
C GLY B 48 6.10 -4.40 37.45
N LEU B 49 6.02 -3.73 36.31
CA LEU B 49 7.23 -3.47 35.54
C LEU B 49 8.19 -2.61 36.35
N GLU B 50 7.67 -1.51 36.92
CA GLU B 50 8.53 -0.63 37.70
C GLU B 50 9.22 -1.43 38.79
N THR B 51 8.46 -2.27 39.50
CA THR B 51 8.98 -3.08 40.59
C THR B 51 10.02 -4.10 40.10
N ALA B 52 9.81 -4.71 38.95
CA ALA B 52 10.76 -5.70 38.46
C ALA B 52 12.07 -5.06 37.98
N GLY B 53 12.06 -3.76 37.65
CA GLY B 53 13.30 -3.03 37.48
C GLY B 53 14.01 -3.22 36.15
N LYS B 54 13.39 -3.88 35.18
CA LYS B 54 14.07 -4.14 33.92
C LYS B 54 13.57 -3.25 32.79
N VAL B 55 12.27 -3.01 32.70
CA VAL B 55 11.67 -2.18 31.66
C VAL B 55 11.24 -0.87 32.29
N GLU B 56 11.81 0.25 31.81
CA GLU B 56 11.43 1.59 32.25
C GLU B 56 10.40 2.18 31.27
N VAL B 57 9.25 2.59 31.78
CA VAL B 57 8.27 3.27 30.93
C VAL B 57 8.57 4.76 30.97
N ARG B 58 9.02 5.31 29.85
CA ARG B 58 9.36 6.72 29.85
C ARG B 58 8.11 7.53 29.67
N GLY B 59 7.13 6.98 28.97
CA GLY B 59 5.89 7.71 28.74
C GLY B 59 4.80 6.85 28.18
N ILE B 60 3.58 7.27 28.46
CA ILE B 60 2.40 6.79 27.75
C ILE B 60 1.73 8.01 27.15
N TYR B 61 1.31 7.90 25.90
CA TYR B 61 0.97 9.06 25.10
C TYR B 61 -0.39 8.90 24.49
N ASP B 62 -1.15 9.99 24.52
CA ASP B 62 -2.45 10.08 23.87
C ASP B 62 -2.25 10.62 22.45
N LEU B 63 -2.48 9.77 21.47
CA LEU B 63 -2.31 10.09 20.06
C LEU B 63 -3.63 10.43 19.38
N ALA B 64 -4.71 10.59 20.16
CA ALA B 64 -6.02 10.87 19.59
C ALA B 64 -5.91 12.04 18.62
N GLY B 65 -6.36 11.81 17.40
CA GLY B 65 -6.37 12.87 16.39
C GLY B 65 -5.07 13.07 15.63
N CYS B 66 -4.03 12.28 15.88
CA CYS B 66 -2.82 12.43 15.07
C CYS B 66 -3.02 11.78 13.70
N ARG B 67 -3.45 10.52 13.68
CA ARG B 67 -3.58 9.82 12.42
C ARG B 67 -4.64 8.74 12.54
N ALA B 68 -5.21 8.36 11.41
CA ALA B 68 -6.10 7.22 11.39
C ALA B 68 -5.34 5.97 11.80
N GLU B 69 -6.04 5.05 12.42
CA GLU B 69 -5.51 3.75 12.81
C GLU B 69 -4.44 3.80 13.91
N ALA B 70 -4.30 4.89 14.68
CA ALA B 70 -3.57 4.83 15.95
C ALA B 70 -4.24 5.67 17.03
N ASP B 71 -4.06 5.25 18.27
CA ASP B 71 -4.74 5.87 19.41
C ASP B 71 -3.83 6.13 20.60
N PHE B 72 -2.88 5.25 20.88
CA PHE B 72 -2.00 5.48 22.03
C PHE B 72 -0.67 4.78 21.82
N MET B 73 0.32 5.20 22.60
CA MET B 73 1.69 4.74 22.45
C MET B 73 2.36 4.58 23.81
N ILE B 74 3.12 3.47 23.96
CA ILE B 74 3.97 3.19 25.12
C ILE B 74 5.42 3.33 24.67
N TRP B 75 6.18 4.18 25.37
CA TRP B 75 7.62 4.32 25.15
C TRP B 75 8.29 3.64 26.34
N TRP B 76 8.95 2.52 26.10
CA TRP B 76 9.72 1.88 27.16
C TRP B 76 11.09 1.42 26.67
N ILE B 77 11.96 1.20 27.66
CA ILE B 77 13.40 1.11 27.51
C ILE B 77 13.88 -0.02 28.41
N ALA B 78 14.82 -0.81 27.91
CA ALA B 78 15.43 -1.87 28.70
C ALA B 78 16.84 -2.14 28.21
N GLU B 79 17.66 -2.68 29.12
CA GLU B 79 19.00 -3.10 28.73
C GLU B 79 18.98 -4.24 27.72
N GLU B 80 17.96 -5.12 27.75
CA GLU B 80 17.94 -6.31 26.89
C GLU B 80 16.65 -6.34 26.08
N PHE B 81 16.75 -6.56 24.76
CA PHE B 81 15.55 -6.51 23.94
C PHE B 81 14.55 -7.57 24.38
N GLU B 82 15.04 -8.72 24.88
CA GLU B 82 14.09 -9.76 25.28
C GLU B 82 13.19 -9.31 26.42
N GLU B 83 13.64 -8.33 27.20
CA GLU B 83 12.85 -7.79 28.31
C GLU B 83 11.67 -6.96 27.81
N ILE B 84 11.91 -6.14 26.79
CA ILE B 84 10.82 -5.44 26.11
C ILE B 84 9.89 -6.45 25.43
N GLN B 85 10.47 -7.45 24.77
CA GLN B 85 9.65 -8.47 24.10
C GLN B 85 8.67 -9.08 25.08
N ALA B 86 9.17 -9.50 26.24
CA ALA B 86 8.33 -10.15 27.23
C ALA B 86 7.25 -9.21 27.72
N ALA B 87 7.63 -7.96 28.02
CA ALA B 87 6.68 -7.01 28.55
C ALA B 87 5.62 -6.68 27.52
N PHE B 88 6.05 -6.52 26.26
CA PHE B 88 5.10 -6.29 25.16
C PHE B 88 4.14 -7.45 25.03
N ALA B 89 4.67 -8.66 24.97
CA ALA B 89 3.79 -9.83 24.86
C ALA B 89 2.83 -9.90 26.04
N ARG B 90 3.33 -9.62 27.26
CA ARG B 90 2.50 -9.77 28.45
C ARG B 90 1.38 -8.74 28.47
N PHE B 91 1.67 -7.50 28.08
CA PHE B 91 0.65 -6.48 27.94
C PHE B 91 -0.47 -6.96 27.03
N ARG B 92 -0.11 -7.50 25.86
CA ARG B 92 -1.13 -7.96 24.92
C ARG B 92 -1.89 -9.17 25.44
N ARG B 93 -1.19 -10.08 26.10
CA ARG B 93 -1.74 -11.36 26.46
C ARG B 93 -2.48 -11.31 27.79
N GLU B 94 -1.99 -10.52 28.74
CA GLU B 94 -2.47 -10.63 30.11
C GLU B 94 -3.20 -9.40 30.67
N THR B 95 -3.43 -8.36 29.88
CA THR B 95 -4.31 -7.26 30.30
C THR B 95 -5.46 -7.06 29.31
N VAL B 96 -6.64 -6.78 29.83
CA VAL B 96 -7.77 -6.54 28.94
C VAL B 96 -7.48 -5.35 28.02
N LEU B 97 -6.81 -4.32 28.53
CA LEU B 97 -6.48 -3.19 27.68
C LEU B 97 -5.64 -3.65 26.50
N GLY B 98 -4.67 -4.55 26.74
CA GLY B 98 -3.88 -5.07 25.63
C GLY B 98 -4.68 -5.99 24.74
N GLN B 99 -5.70 -6.65 25.30
CA GLN B 99 -6.53 -7.57 24.55
C GLN B 99 -7.59 -6.87 23.72
N VAL B 100 -7.97 -5.64 24.07
CA VAL B 100 -8.98 -4.90 23.33
C VAL B 100 -8.34 -3.91 22.38
N SER B 101 -7.01 -3.93 22.26
CA SER B 101 -6.28 -3.03 21.37
C SER B 101 -5.55 -3.86 20.33
N GLU B 102 -5.23 -3.21 19.21
CA GLU B 102 -4.51 -3.82 18.12
C GLU B 102 -3.15 -3.14 18.03
N VAL B 103 -2.11 -3.90 17.70
CA VAL B 103 -0.81 -3.31 17.46
C VAL B 103 -0.83 -2.59 16.13
N ALA B 104 -0.58 -1.30 16.15
CA ALA B 104 -0.58 -0.52 14.93
C ALA B 104 0.79 -0.49 14.25
N TRP B 105 1.83 -0.31 15.06
CA TRP B 105 3.18 -0.05 14.59
C TRP B 105 4.16 -0.15 15.77
N LEU B 106 5.35 -0.65 15.49
CA LEU B 106 6.44 -0.75 16.45
C LEU B 106 7.70 -0.10 15.89
N GLY B 107 8.33 0.77 16.68
CA GLY B 107 9.59 1.38 16.33
C GLY B 107 10.62 0.97 17.37
N ASN B 108 11.62 0.20 16.97
CA ASN B 108 12.65 -0.33 17.86
C ASN B 108 13.97 0.34 17.54
N SER B 109 14.79 0.46 18.58
CA SER B 109 16.10 1.08 18.40
C SER B 109 17.03 0.67 19.53
N LEU B 110 18.31 0.97 19.33
CA LEU B 110 19.40 0.59 20.23
C LEU B 110 20.37 1.74 20.26
N HIS B 111 20.60 2.31 21.43
CA HIS B 111 21.45 3.50 21.56
C HIS B 111 22.90 3.17 21.19
N ARG B 112 23.54 4.11 20.49
CA ARG B 112 24.94 3.99 20.09
C ARG B 112 25.56 5.38 20.11
N PRO B 113 26.87 5.49 20.35
CA PRO B 113 27.53 6.80 20.30
C PRO B 113 27.34 7.39 18.92
N ALA B 114 27.29 8.71 18.86
CA ALA B 114 27.16 9.40 17.57
C ALA B 114 28.45 9.23 16.78
N GLU B 115 28.33 9.30 15.44
CA GLU B 115 29.49 9.07 14.59
C GLU B 115 30.55 10.12 14.81
N PHE B 116 30.16 11.39 14.91
CA PHE B 116 31.15 12.47 15.04
C PHE B 116 31.08 13.19 16.38
N ASN B 117 29.92 13.75 16.72
CA ASN B 117 29.80 14.61 17.91
C ASN B 117 29.44 13.73 19.10
N ARG B 118 30.44 13.31 19.88
CA ARG B 118 30.18 12.36 20.96
C ARG B 118 29.50 13.02 22.17
N SER B 119 29.18 14.30 22.09
CA SER B 119 28.34 14.92 23.11
C SER B 119 26.85 14.84 22.78
N HIS B 120 26.51 14.27 21.63
CA HIS B 120 25.13 14.16 21.16
C HIS B 120 24.60 12.81 21.63
N LEU B 121 23.74 12.83 22.64
CA LEU B 121 23.18 11.64 23.24
C LEU B 121 21.68 11.82 23.37
N PRO B 122 20.93 10.75 23.29
CA PRO B 122 19.48 10.85 23.45
C PRO B 122 19.06 11.44 24.80
N SER B 123 17.99 12.24 24.75
CA SER B 123 17.34 12.71 26.00
C SER B 123 17.17 11.60 27.04
N PHE B 124 16.68 10.43 26.62
CA PHE B 124 16.39 9.35 27.58
C PHE B 124 17.65 8.77 28.18
N ILE B 125 18.73 8.74 27.39
CA ILE B 125 20.03 8.26 27.91
C ILE B 125 20.60 9.26 28.91
N MET B 126 20.46 10.56 28.64
CA MET B 126 20.89 11.60 29.56
C MET B 126 20.05 11.68 30.83
N GLY B 127 18.95 10.94 30.92
CA GLY B 127 18.12 11.01 32.11
C GLY B 127 17.26 12.24 32.21
N GLU B 128 16.99 12.90 31.09
CA GLU B 128 16.19 14.12 31.11
C GLU B 128 14.71 13.79 31.34
N ILE B 129 14.01 14.70 32.03
CA ILE B 129 12.57 14.65 32.24
C ILE B 129 11.92 14.46 30.86
N PRO B 130 11.03 13.47 30.66
CA PRO B 130 10.39 13.34 29.33
C PRO B 130 9.51 14.55 29.04
N GLY B 131 9.37 14.85 27.76
CA GLY B 131 8.65 16.03 27.35
C GLY B 131 7.14 15.86 27.42
N ASP B 132 6.43 16.98 27.56
CA ASP B 132 4.97 16.89 27.66
C ASP B 132 4.39 16.49 26.32
N TRP B 133 5.05 16.88 25.23
CA TRP B 133 4.60 16.56 23.87
C TRP B 133 5.71 15.81 23.16
N ILE B 134 5.32 14.86 22.30
CA ILE B 134 6.29 14.10 21.53
C ILE B 134 5.88 13.98 20.06
N THR B 135 6.89 13.82 19.19
N THR B 135 6.89 13.82 19.20
CA THR B 135 6.68 13.27 17.85
CA THR B 135 6.69 13.27 17.86
C THR B 135 7.74 12.22 17.57
C THR B 135 7.75 12.21 17.61
N VAL B 136 7.29 11.05 17.12
CA VAL B 136 8.14 9.90 16.86
C VAL B 136 7.99 9.57 15.38
N TYR B 137 9.12 9.35 14.73
CA TYR B 137 9.07 8.73 13.42
C TYR B 137 10.37 8.00 13.12
N PRO B 138 10.29 6.99 12.27
CA PRO B 138 11.48 6.29 11.79
C PRO B 138 12.09 7.06 10.62
N PHE B 139 13.34 6.73 10.32
CA PHE B 139 14.11 7.46 9.34
C PHE B 139 15.02 6.52 8.58
N VAL B 140 15.17 6.83 7.29
CA VAL B 140 16.07 6.11 6.37
C VAL B 140 16.80 7.15 5.54
N ARG B 141 18.12 7.13 5.62
CA ARG B 141 18.97 8.00 4.83
C ARG B 141 19.05 7.56 3.37
N SER B 142 19.54 8.46 2.52
CA SER B 142 19.85 8.14 1.14
C SER B 142 20.86 6.98 1.06
N TYR B 143 20.85 6.26 -0.06
CA TYR B 143 21.76 5.13 -0.18
C TYR B 143 23.22 5.56 -0.08
N ASP B 144 23.54 6.77 -0.50
CA ASP B 144 24.92 7.24 -0.58
C ASP B 144 25.45 7.85 0.73
N TRP B 145 24.63 7.88 1.78
CA TRP B 145 24.93 8.67 2.97
C TRP B 145 26.17 8.18 3.72
N TYR B 146 26.25 6.89 3.97
CA TYR B 146 27.31 6.33 4.83
C TYR B 146 28.62 6.10 4.09
N ILE B 147 28.56 5.81 2.78
CA ILE B 147 29.80 5.61 2.01
C ILE B 147 30.38 6.94 1.59
N MET B 148 29.60 8.02 1.66
CA MET B 148 30.12 9.35 1.34
C MET B 148 31.39 9.63 2.13
N ASP B 149 32.24 10.49 1.58
CA ASP B 149 33.47 10.87 2.25
C ASP B 149 33.18 11.37 3.66
N PRO B 150 33.88 10.86 4.69
CA PRO B 150 33.50 11.26 6.06
C PRO B 150 33.57 12.76 6.27
N GLN B 151 34.57 13.43 5.70
CA GLN B 151 34.68 14.88 5.85
C GLN B 151 33.40 15.57 5.39
N LYS B 152 32.77 15.02 4.35
CA LYS B 152 31.57 15.62 3.79
C LYS B 152 30.37 15.37 4.69
N ARG B 153 30.25 14.14 5.20
CA ARG B 153 29.13 13.82 6.07
C ARG B 153 29.27 14.59 7.38
N ARG B 154 30.51 14.76 7.85
CA ARG B 154 30.75 15.53 9.07
C ARG B 154 30.24 16.97 8.90
N LYS B 155 30.64 17.61 7.78
CA LYS B 155 30.21 18.97 7.48
C LYS B 155 28.69 19.08 7.48
N ILE B 156 28.02 18.15 6.79
CA ILE B 156 26.57 18.22 6.66
C ILE B 156 25.92 18.03 8.03
N LEU B 157 26.42 17.09 8.82
CA LEU B 157 25.87 16.87 10.16
C LEU B 157 26.17 18.04 11.08
N ALA B 158 27.31 18.69 10.92
CA ALA B 158 27.58 19.87 11.74
C ALA B 158 26.63 21.01 11.38
N GLU B 159 26.37 21.25 10.09
CA GLU B 159 25.40 22.28 9.71
C GLU B 159 24.00 21.93 10.22
N HIS B 160 23.66 20.65 10.17
CA HIS B 160 22.36 20.17 10.64
C HIS B 160 22.14 20.46 12.13
N GLY B 161 23.14 20.18 12.97
CA GLY B 161 23.00 20.48 14.39
C GLY B 161 22.92 21.96 14.68
N GLN B 162 23.72 22.76 13.97
CA GLN B 162 23.65 24.21 14.08
C GLN B 162 22.28 24.76 13.69
N ALA B 163 21.59 24.10 12.77
CA ALA B 163 20.29 24.57 12.35
C ALA B 163 19.25 24.48 13.44
N ALA B 164 19.47 23.64 14.45
CA ALA B 164 18.55 23.47 15.57
C ALA B 164 18.88 24.38 16.74
N ARG B 165 19.72 25.39 16.52
CA ARG B 165 20.25 26.20 17.59
C ARG B 165 19.20 26.96 18.39
N ASP B 166 18.12 27.40 17.77
CA ASP B 166 17.15 28.18 18.53
C ASP B 166 16.13 27.31 19.26
N PHE B 167 16.38 26.01 19.37
CA PHE B 167 15.40 25.09 19.97
C PHE B 167 16.03 24.22 21.06
N PRO B 168 16.79 24.81 21.98
CA PRO B 168 17.30 24.01 23.11
C PRO B 168 16.20 23.34 23.93
N ASP B 169 14.98 23.85 23.86
CA ASP B 169 13.87 23.26 24.58
C ASP B 169 13.29 22.03 23.89
N VAL B 170 13.67 21.75 22.65
CA VAL B 170 13.24 20.53 21.98
C VAL B 170 14.35 19.51 22.13
N ARG B 171 14.02 18.36 22.72
CA ARG B 171 15.01 17.36 23.09
C ARG B 171 14.96 16.21 22.09
N ALA B 172 16.08 15.94 21.44
CA ALA B 172 16.20 14.91 20.42
C ALA B 172 16.57 13.56 21.01
N ASN B 173 16.05 12.50 20.38
CA ASN B 173 16.49 11.13 20.60
C ASN B 173 16.69 10.55 19.19
N THR B 174 17.93 10.42 18.74
CA THR B 174 18.24 9.91 17.39
C THR B 174 19.01 8.60 17.56
N VAL B 175 18.30 7.50 17.37
CA VAL B 175 18.71 6.19 17.88
C VAL B 175 18.76 5.19 16.72
N PRO B 176 19.87 4.46 16.59
CA PRO B 176 19.96 3.44 15.54
C PRO B 176 18.85 2.43 15.64
N ALA B 177 18.33 2.09 14.48
CA ALA B 177 17.26 1.11 14.37
C ALA B 177 17.59 -0.02 13.39
N PHE B 178 18.81 -0.04 12.86
CA PHE B 178 19.23 -1.05 11.90
C PHE B 178 18.90 -2.45 12.40
N ALA B 179 18.23 -3.23 11.56
CA ALA B 179 17.94 -4.63 11.79
C ALA B 179 16.91 -4.86 12.90
N LEU B 180 16.29 -3.82 13.44
CA LEU B 180 15.21 -3.98 14.41
C LEU B 180 13.84 -3.70 13.79
N GLY B 181 13.75 -3.78 12.47
CA GLY B 181 12.57 -3.35 11.75
C GLY B 181 13.02 -2.88 10.38
N ASP B 182 12.17 -2.07 9.75
CA ASP B 182 12.40 -1.66 8.36
C ASP B 182 13.28 -0.42 8.23
N TYR B 183 13.84 0.10 9.32
CA TYR B 183 14.42 1.43 9.29
C TYR B 183 15.87 1.49 9.72
N GLU B 184 16.45 2.66 9.55
CA GLU B 184 17.81 2.94 9.95
C GLU B 184 17.92 3.68 11.27
N TRP B 185 17.04 4.66 11.52
CA TRP B 185 16.99 5.40 12.76
C TRP B 185 15.56 5.48 13.29
N MET B 186 15.45 5.59 14.60
CA MET B 186 14.22 5.90 15.30
C MET B 186 14.40 7.30 15.89
N LEU B 187 13.51 8.23 15.54
CA LEU B 187 13.64 9.61 15.95
C LEU B 187 12.48 9.98 16.88
N ALA B 188 12.80 10.66 17.97
CA ALA B 188 11.80 11.18 18.89
C ALA B 188 12.25 12.53 19.40
N PHE B 189 11.37 13.53 19.25
CA PHE B 189 11.59 14.88 19.72
C PHE B 189 10.56 15.18 20.79
N GLU B 190 11.05 15.63 21.93
CA GLU B 190 10.24 15.89 23.11
C GLU B 190 10.30 17.37 23.42
N ALA B 191 9.16 17.97 23.79
CA ALA B 191 9.15 19.41 24.02
C ALA B 191 7.99 19.78 24.93
N PRO B 192 8.06 20.95 25.58
CA PRO B 192 6.95 21.39 26.43
C PRO B 192 5.75 21.88 25.66
N ARG B 193 5.93 22.25 24.38
CA ARG B 193 4.87 22.81 23.54
C ARG B 193 4.95 22.17 22.17
N LEU B 194 3.83 21.70 21.66
CA LEU B 194 3.85 21.07 20.33
C LEU B 194 4.29 22.06 19.24
N ASP B 195 3.94 23.34 19.38
CA ASP B 195 4.28 24.28 18.32
C ASP B 195 5.78 24.40 18.18
N ARG B 196 6.52 24.10 19.24
CA ARG B 196 7.97 24.15 19.14
C ARG B 196 8.51 23.01 18.27
N ILE B 197 7.85 21.85 18.29
CA ILE B 197 8.26 20.73 17.44
C ILE B 197 7.94 21.01 15.96
N VAL B 198 6.76 21.61 15.70
CA VAL B 198 6.38 22.00 14.34
C VAL B 198 7.40 22.98 13.77
N ASP B 199 7.72 24.02 14.54
CA ASP B 199 8.67 25.02 14.07
C ASP B 199 10.07 24.44 13.91
N LEU B 200 10.52 23.58 14.82
CA LEU B 200 11.83 22.96 14.63
C LEU B 200 11.85 22.19 13.32
N MET B 201 10.80 21.40 13.07
CA MET B 201 10.79 20.50 11.93
C MET B 201 10.80 21.32 10.65
N HIS B 202 10.10 22.45 10.65
CA HIS B 202 10.07 23.33 9.49
C HIS B 202 11.44 23.94 9.25
N LYS B 203 12.08 24.39 10.32
CA LYS B 203 13.38 25.03 10.17
C LYS B 203 14.41 24.00 9.73
N MET B 204 14.24 22.75 10.13
CA MET B 204 15.25 21.76 9.84
C MET B 204 15.19 21.33 8.37
N ARG B 205 14.18 21.82 7.62
CA ARG B 205 14.13 21.65 6.17
C ARG B 205 15.21 22.45 5.48
N TYR B 206 15.73 23.47 6.14
CA TYR B 206 16.73 24.36 5.55
C TYR B 206 18.15 23.87 5.83
N THR B 207 18.42 22.59 5.48
CA THR B 207 19.70 21.94 5.71
C THR B 207 20.09 21.08 4.53
N GLU B 208 21.39 21.03 4.20
CA GLU B 208 21.87 20.12 3.17
C GLU B 208 21.54 18.66 3.48
N ALA B 209 21.42 18.30 4.76
CA ALA B 209 21.10 16.91 5.08
C ALA B 209 19.81 16.39 4.41
N ARG B 210 18.87 17.28 4.10
CA ARG B 210 17.61 16.91 3.44
C ARG B 210 17.79 16.36 2.04
N LEU B 211 18.90 16.67 1.39
CA LEU B 211 19.26 16.04 0.14
C LEU B 211 19.71 14.59 0.29
N HIS B 212 19.68 14.04 1.51
CA HIS B 212 20.19 12.68 1.80
C HIS B 212 19.19 11.91 2.65
N VAL B 213 17.94 11.95 2.20
CA VAL B 213 16.78 11.38 2.89
C VAL B 213 15.99 10.51 1.94
N ARG B 214 15.58 9.35 2.43
CA ARG B 214 14.77 8.43 1.64
C ARG B 214 13.39 8.17 2.24
N GLU B 215 13.28 8.07 3.56
CA GLU B 215 12.01 7.72 4.20
C GLU B 215 11.96 8.34 5.59
N GLU B 216 10.78 8.81 5.98
CA GLU B 216 10.65 9.40 7.32
C GLU B 216 9.22 9.38 7.85
N THR B 217 8.42 8.42 7.39
CA THR B 217 7.06 8.20 7.89
C THR B 217 6.84 6.74 8.22
N PRO B 218 5.85 6.42 9.08
CA PRO B 218 4.83 7.28 9.68
C PRO B 218 5.27 8.07 10.91
N PHE B 219 4.61 9.22 11.06
CA PHE B 219 4.73 10.10 12.19
C PHE B 219 3.70 9.74 13.25
N PHE B 220 4.13 9.73 14.51
CA PHE B 220 3.21 9.59 15.64
C PHE B 220 3.45 10.78 16.56
N THR B 221 2.42 11.60 16.74
CA THR B 221 2.55 12.80 17.56
C THR B 221 1.51 12.85 18.65
N GLY B 222 1.94 13.08 19.89
CA GLY B 222 0.92 13.11 20.91
C GLY B 222 1.39 13.65 22.24
N ARG B 223 0.51 13.49 23.21
CA ARG B 223 0.60 14.18 24.49
C ARG B 223 0.85 13.17 25.61
N ARG B 224 1.90 13.41 26.39
CA ARG B 224 2.21 12.49 27.48
C ARG B 224 1.15 12.60 28.56
N VAL B 225 0.64 11.46 28.99
CA VAL B 225 -0.39 11.43 30.03
C VAL B 225 0.26 11.05 31.35
N SER B 226 -0.28 11.61 32.44
CA SER B 226 0.28 11.39 33.77
C SER B 226 0.07 9.96 34.24
N GLU B 227 -1.06 9.36 33.88
CA GLU B 227 -1.44 8.08 34.44
C GLU B 227 -2.33 7.36 33.44
N VAL B 228 -2.37 6.03 33.60
CA VAL B 228 -3.08 5.15 32.69
C VAL B 228 -4.56 5.51 32.62
N SER B 229 -5.16 5.79 33.77
CA SER B 229 -6.53 6.28 33.85
C SER B 229 -6.85 7.34 32.81
N GLU B 230 -5.97 8.34 32.69
CA GLU B 230 -6.21 9.45 31.78
C GLU B 230 -6.33 8.94 30.34
N LEU B 231 -5.43 8.05 29.94
CA LEU B 231 -5.47 7.56 28.56
C LEU B 231 -6.72 6.70 28.32
N VAL B 232 -6.96 5.71 29.18
CA VAL B 232 -8.05 4.78 28.92
C VAL B 232 -9.37 5.52 28.81
N ASN B 233 -9.56 6.55 29.64
CA ASN B 233 -10.83 7.29 29.64
C ASN B 233 -11.09 8.00 28.32
N VAL B 234 -10.04 8.21 27.52
CA VAL B 234 -10.21 8.93 26.26
C VAL B 234 -10.68 8.02 25.15
N LEU B 235 -10.37 6.73 25.22
CA LEU B 235 -10.53 5.84 24.08
C LEU B 235 -12.00 5.64 23.72
N PRO B 236 -12.30 5.33 22.46
CA PRO B 236 -13.68 4.93 22.12
C PRO B 236 -14.06 3.65 22.86
N GLY B 237 -15.29 3.62 23.34
CA GLY B 237 -15.81 2.41 23.97
C GLY B 237 -15.83 1.23 23.01
N ASN C 8 -21.75 20.56 -33.66
CA ASN C 8 -21.99 21.87 -33.02
C ASN C 8 -20.95 22.13 -31.90
N PHE C 9 -19.71 22.35 -32.34
CA PHE C 9 -18.55 22.10 -31.50
C PHE C 9 -18.44 23.07 -30.33
N GLU C 10 -18.66 24.37 -30.57
CA GLU C 10 -18.47 25.35 -29.49
C GLU C 10 -19.47 25.15 -28.36
N GLU C 11 -20.71 24.76 -28.68
CA GLU C 11 -21.70 24.52 -27.64
C GLU C 11 -21.34 23.29 -26.82
N LEU C 12 -20.94 22.21 -27.48
CA LEU C 12 -20.50 21.01 -26.77
C LEU C 12 -19.27 21.28 -25.92
N ASN C 13 -18.40 22.18 -26.38
CA ASN C 13 -17.21 22.50 -25.62
C ASN C 13 -17.52 23.27 -24.36
N SER C 14 -18.58 24.09 -24.37
CA SER C 14 -18.89 24.93 -23.23
C SER C 14 -19.84 24.25 -22.23
N MET C 15 -20.48 23.15 -22.64
CA MET C 15 -21.35 22.37 -21.78
C MET C 15 -20.67 22.03 -20.46
N GLN C 16 -21.43 22.07 -19.37
CA GLN C 16 -20.94 21.57 -18.07
C GLN C 16 -21.49 20.15 -17.85
N ARG C 17 -20.60 19.16 -17.80
CA ARG C 17 -21.00 17.79 -17.52
C ARG C 17 -19.93 17.15 -16.63
N TYR C 18 -20.35 16.67 -15.48
CA TYR C 18 -19.53 15.78 -14.66
C TYR C 18 -19.77 14.32 -15.05
N SER C 19 -18.73 13.51 -14.95
CA SER C 19 -18.75 12.09 -15.25
C SER C 19 -18.13 11.27 -14.12
N GLN C 20 -18.82 10.23 -13.65
CA GLN C 20 -18.25 9.37 -12.62
C GLN C 20 -18.29 7.91 -13.04
N PHE C 21 -17.16 7.21 -12.88
CA PHE C 21 -17.09 5.76 -12.99
C PHE C 21 -17.09 5.25 -11.55
N ALA C 22 -18.16 4.55 -11.16
CA ALA C 22 -18.34 4.03 -9.81
C ALA C 22 -18.14 2.52 -9.88
N VAL C 23 -17.02 2.05 -9.33
CA VAL C 23 -16.63 0.63 -9.40
C VAL C 23 -16.95 0.00 -8.07
N PHE C 24 -17.75 -1.07 -8.12
CA PHE C 24 -18.14 -1.80 -6.93
C PHE C 24 -17.60 -3.24 -6.96
N ARG C 25 -17.43 -3.79 -5.76
CA ARG C 25 -17.08 -5.18 -5.54
C ARG C 25 -18.20 -5.84 -4.76
N ALA C 26 -18.59 -7.05 -5.15
CA ALA C 26 -19.65 -7.75 -4.44
C ALA C 26 -19.10 -8.40 -3.17
N ILE C 27 -19.81 -8.24 -2.06
CA ILE C 27 -19.41 -8.85 -0.79
C ILE C 27 -19.71 -10.34 -0.90
N PRO C 28 -18.70 -11.22 -0.85
CA PRO C 28 -18.99 -12.66 -0.82
C PRO C 28 -20.03 -13.01 0.24
N GLY C 29 -21.01 -13.82 -0.16
CA GLY C 29 -22.00 -14.32 0.76
C GLY C 29 -23.22 -13.44 0.96
N ALA C 30 -23.18 -12.20 0.50
CA ALA C 30 -24.26 -11.26 0.78
C ALA C 30 -25.44 -11.41 -0.18
N LEU C 31 -25.19 -11.85 -1.41
CA LEU C 31 -26.26 -11.86 -2.40
C LEU C 31 -27.20 -13.05 -2.23
N GLY C 32 -26.64 -14.26 -2.10
CA GLY C 32 -27.45 -15.44 -1.90
C GLY C 32 -28.02 -15.98 -3.20
N SER C 33 -29.01 -16.85 -3.04
CA SER C 33 -29.67 -17.51 -4.18
C SER C 33 -30.96 -16.83 -4.59
N ASP C 34 -31.49 -15.93 -3.76
CA ASP C 34 -32.77 -15.29 -4.00
C ASP C 34 -32.55 -13.82 -4.36
N ARG C 35 -32.35 -13.56 -5.67
CA ARG C 35 -32.01 -12.25 -6.19
C ARG C 35 -33.15 -11.59 -6.94
N ALA C 36 -34.35 -12.16 -6.91
CA ALA C 36 -35.42 -11.64 -7.76
C ALA C 36 -35.81 -10.23 -7.35
N GLU C 37 -36.03 -10.00 -6.05
CA GLU C 37 -36.42 -8.67 -5.62
C GLU C 37 -35.26 -7.70 -5.70
N ILE C 38 -34.03 -8.16 -5.49
CA ILE C 38 -32.88 -7.27 -5.61
C ILE C 38 -32.83 -6.66 -7.01
N VAL C 39 -33.01 -7.50 -8.03
CA VAL C 39 -32.99 -6.98 -9.41
C VAL C 39 -34.16 -6.04 -9.64
N ALA C 40 -35.38 -6.47 -9.27
CA ALA C 40 -36.53 -5.60 -9.40
C ALA C 40 -36.30 -4.27 -8.70
N GLN C 41 -35.78 -4.32 -7.47
CA GLN C 41 -35.56 -3.07 -6.75
C GLN C 41 -34.49 -2.23 -7.41
N ALA C 42 -33.46 -2.86 -7.95
CA ALA C 42 -32.39 -2.09 -8.59
C ALA C 42 -32.86 -1.51 -9.93
N GLN C 43 -33.59 -2.29 -10.70
CA GLN C 43 -34.11 -1.77 -11.95
C GLN C 43 -35.00 -0.54 -11.70
N SER C 44 -35.80 -0.58 -10.64
CA SER C 44 -36.68 0.55 -10.36
C SER C 44 -35.90 1.76 -9.89
N PHE C 45 -34.75 1.57 -9.23
CA PHE C 45 -33.91 2.71 -8.93
C PHE C 45 -33.40 3.38 -10.20
N PHE C 46 -32.91 2.57 -11.14
CA PHE C 46 -32.40 3.13 -12.38
C PHE C 46 -33.53 3.72 -13.23
N ASP C 47 -34.73 3.11 -13.19
CA ASP C 47 -35.88 3.72 -13.85
C ASP C 47 -36.18 5.09 -13.23
N GLY C 48 -36.19 5.17 -11.90
CA GLY C 48 -36.41 6.46 -11.27
C GLY C 48 -35.39 7.50 -11.68
N LEU C 49 -34.13 7.07 -11.84
CA LEU C 49 -33.08 8.02 -12.26
C LEU C 49 -33.38 8.60 -13.64
N GLU C 50 -33.77 7.74 -14.58
CA GLU C 50 -34.10 8.20 -15.92
C GLU C 50 -35.22 9.24 -15.91
N THR C 51 -36.29 8.97 -15.17
CA THR C 51 -37.43 9.89 -15.22
C THR C 51 -37.14 11.19 -14.48
N ALA C 52 -36.40 11.14 -13.36
CA ALA C 52 -35.92 12.40 -12.78
C ALA C 52 -35.14 13.21 -13.82
N GLY C 53 -34.50 12.52 -14.77
CA GLY C 53 -33.92 13.22 -15.90
C GLY C 53 -32.72 14.08 -15.60
N LYS C 54 -32.03 13.89 -14.48
CA LYS C 54 -30.82 14.69 -14.25
C LYS C 54 -29.51 13.89 -14.27
N VAL C 55 -29.50 12.64 -13.81
CA VAL C 55 -28.32 11.79 -13.88
C VAL C 55 -28.58 10.78 -15.00
N GLU C 56 -27.73 10.80 -16.02
CA GLU C 56 -27.83 9.89 -17.17
C GLU C 56 -26.83 8.75 -17.01
N VAL C 57 -27.34 7.53 -17.04
CA VAL C 57 -26.47 6.35 -16.94
C VAL C 57 -26.03 5.96 -18.35
N ARG C 58 -24.74 6.12 -18.64
CA ARG C 58 -24.25 5.71 -19.95
C ARG C 58 -24.13 4.20 -20.06
N GLY C 59 -23.76 3.54 -18.97
CA GLY C 59 -23.76 2.10 -19.00
C GLY C 59 -23.50 1.53 -17.63
N ILE C 60 -23.92 0.28 -17.47
CA ILE C 60 -23.50 -0.61 -16.39
C ILE C 60 -22.64 -1.71 -17.01
N TYR C 61 -21.54 -2.04 -16.36
CA TYR C 61 -20.51 -2.88 -16.96
C TYR C 61 -20.17 -4.04 -16.04
N ASP C 62 -20.10 -5.23 -16.65
CA ASP C 62 -19.61 -6.44 -16.00
C ASP C 62 -18.09 -6.47 -16.11
N LEU C 63 -17.41 -6.36 -14.97
CA LEU C 63 -15.95 -6.39 -14.96
C LEU C 63 -15.43 -7.77 -14.62
N ALA C 64 -16.28 -8.80 -14.65
CA ALA C 64 -15.85 -10.14 -14.27
C ALA C 64 -14.57 -10.52 -15.01
N GLY C 65 -13.58 -10.99 -14.27
CA GLY C 65 -12.34 -11.45 -14.86
C GLY C 65 -11.28 -10.39 -15.09
N CYS C 66 -11.60 -9.11 -14.89
CA CYS C 66 -10.61 -8.05 -15.08
C CYS C 66 -9.60 -8.04 -13.95
N ARG C 67 -10.07 -7.91 -12.71
CA ARG C 67 -9.15 -7.83 -11.58
C ARG C 67 -9.80 -8.30 -10.28
N ALA C 68 -8.95 -8.70 -9.34
CA ALA C 68 -9.44 -8.97 -8.00
C ALA C 68 -10.06 -7.70 -7.45
N GLU C 69 -11.12 -7.85 -6.68
CA GLU C 69 -11.61 -6.73 -5.88
C GLU C 69 -12.38 -5.70 -6.69
N ALA C 70 -12.83 -6.04 -7.89
CA ALA C 70 -13.84 -5.23 -8.59
C ALA C 70 -14.73 -6.18 -9.37
N ASP C 71 -16.01 -5.95 -9.34
CA ASP C 71 -16.94 -6.76 -10.09
C ASP C 71 -17.83 -6.01 -11.07
N PHE C 72 -18.22 -4.76 -10.79
CA PHE C 72 -19.09 -4.05 -11.73
C PHE C 72 -18.91 -2.55 -11.58
N MET C 73 -19.37 -1.83 -12.59
CA MET C 73 -19.16 -0.42 -12.66
C MET C 73 -20.36 0.27 -13.28
N ILE C 74 -20.69 1.44 -12.73
CA ILE C 74 -21.74 2.31 -13.24
C ILE C 74 -21.04 3.53 -13.81
N TRP C 75 -21.40 3.91 -15.03
CA TRP C 75 -20.90 5.14 -15.64
C TRP C 75 -22.08 6.09 -15.75
N TRP C 76 -22.12 7.16 -14.95
CA TRP C 76 -23.22 8.11 -15.06
C TRP C 76 -22.68 9.53 -15.06
N ILE C 77 -23.51 10.42 -15.61
CA ILE C 77 -23.12 11.76 -16.04
C ILE C 77 -24.24 12.72 -15.63
N ALA C 78 -23.86 13.91 -15.17
CA ALA C 78 -24.85 14.88 -14.71
C ALA C 78 -24.29 16.28 -14.90
N GLU C 79 -25.19 17.26 -15.01
CA GLU C 79 -24.70 18.64 -15.15
C GLU C 79 -24.03 19.12 -13.86
N GLU C 80 -24.49 18.67 -12.71
CA GLU C 80 -23.90 19.06 -11.44
C GLU C 80 -23.43 17.85 -10.68
N PHE C 81 -22.23 17.99 -10.10
CA PHE C 81 -21.68 16.92 -9.29
C PHE C 81 -22.58 16.57 -8.12
N GLU C 82 -23.26 17.57 -7.54
CA GLU C 82 -24.12 17.25 -6.40
C GLU C 82 -25.21 16.25 -6.80
N GLU C 83 -25.61 16.24 -8.07
CA GLU C 83 -26.61 15.28 -8.54
C GLU C 83 -26.04 13.86 -8.62
N ILE C 84 -24.76 13.72 -8.99
CA ILE C 84 -24.12 12.41 -8.93
C ILE C 84 -23.95 11.98 -7.47
N GLN C 85 -23.53 12.90 -6.60
CA GLN C 85 -23.44 12.58 -5.18
C GLN C 85 -24.75 12.01 -4.66
N ALA C 86 -25.89 12.66 -4.97
CA ALA C 86 -27.18 12.17 -4.52
C ALA C 86 -27.52 10.79 -5.09
N ALA C 87 -27.24 10.57 -6.38
CA ALA C 87 -27.58 9.30 -7.00
C ALA C 87 -26.71 8.20 -6.43
N PHE C 88 -25.41 8.48 -6.28
CA PHE C 88 -24.46 7.51 -5.77
C PHE C 88 -24.84 7.13 -4.34
N ALA C 89 -25.09 8.13 -3.51
CA ALA C 89 -25.48 7.88 -2.12
C ALA C 89 -26.80 7.12 -2.04
N ARG C 90 -27.78 7.47 -2.89
CA ARG C 90 -29.07 6.76 -2.88
C ARG C 90 -28.90 5.29 -3.25
N PHE C 91 -28.10 5.01 -4.29
CA PHE C 91 -27.85 3.62 -4.68
C PHE C 91 -27.31 2.79 -3.52
N ARG C 92 -26.38 3.34 -2.76
CA ARG C 92 -25.77 2.58 -1.68
C ARG C 92 -26.73 2.41 -0.52
N ARG C 93 -27.50 3.44 -0.24
CA ARG C 93 -28.35 3.47 0.95
C ARG C 93 -29.71 2.82 0.73
N GLU C 94 -30.29 2.92 -0.48
CA GLU C 94 -31.69 2.54 -0.66
C GLU C 94 -31.89 1.34 -1.55
N THR C 95 -30.82 0.66 -1.96
CA THR C 95 -30.99 -0.60 -2.69
C THR C 95 -30.14 -1.67 -2.02
N VAL C 96 -30.66 -2.89 -2.02
CA VAL C 96 -29.90 -4.02 -1.46
C VAL C 96 -28.64 -4.25 -2.27
N LEU C 97 -28.72 -4.13 -3.60
CA LEU C 97 -27.51 -4.26 -4.41
C LEU C 97 -26.41 -3.31 -3.92
N GLY C 98 -26.73 -2.04 -3.71
CA GLY C 98 -25.75 -1.13 -3.15
C GLY C 98 -25.40 -1.47 -1.71
N GLN C 99 -26.35 -2.06 -0.98
CA GLN C 99 -26.07 -2.45 0.40
C GLN C 99 -25.18 -3.67 0.47
N VAL C 100 -25.28 -4.59 -0.50
CA VAL C 100 -24.48 -5.79 -0.47
C VAL C 100 -23.19 -5.63 -1.24
N SER C 101 -22.91 -4.44 -1.74
CA SER C 101 -21.68 -4.17 -2.46
C SER C 101 -20.82 -3.23 -1.65
N GLU C 102 -19.54 -3.21 -1.97
CA GLU C 102 -18.68 -2.16 -1.46
C GLU C 102 -18.03 -1.38 -2.60
N VAL C 103 -17.62 -0.17 -2.25
CA VAL C 103 -17.09 0.76 -3.24
C VAL C 103 -15.60 0.47 -3.36
N ALA C 104 -15.18 0.14 -4.57
CA ALA C 104 -13.79 -0.18 -4.76
C ALA C 104 -13.00 1.03 -5.23
N TRP C 105 -13.62 1.88 -6.03
CA TRP C 105 -12.88 2.97 -6.64
C TRP C 105 -13.84 3.91 -7.36
N LEU C 106 -13.57 5.19 -7.26
CA LEU C 106 -14.40 6.19 -7.92
C LEU C 106 -13.49 7.02 -8.81
N GLY C 107 -13.85 7.09 -10.10
CA GLY C 107 -13.17 7.97 -11.01
C GLY C 107 -14.06 9.11 -11.48
N ASN C 108 -13.80 10.32 -10.99
CA ASN C 108 -14.66 11.50 -11.20
C ASN C 108 -14.00 12.43 -12.21
N SER C 109 -14.81 13.08 -13.03
CA SER C 109 -14.23 13.98 -14.04
C SER C 109 -15.22 15.07 -14.45
N LEU C 110 -14.67 16.14 -15.01
CA LEU C 110 -15.44 17.29 -15.50
C LEU C 110 -14.98 17.63 -16.93
N HIS C 111 -15.91 17.61 -17.87
CA HIS C 111 -15.57 17.86 -19.26
C HIS C 111 -15.07 19.28 -19.45
N ARG C 112 -13.99 19.43 -20.19
CA ARG C 112 -13.45 20.73 -20.55
C ARG C 112 -13.04 20.72 -22.03
N PRO C 113 -12.98 21.89 -22.65
CA PRO C 113 -12.36 21.95 -23.99
C PRO C 113 -10.93 21.44 -23.93
N ALA C 114 -10.53 20.76 -25.02
CA ALA C 114 -9.14 20.39 -25.20
C ALA C 114 -8.29 21.64 -25.33
N GLU C 115 -7.00 21.47 -25.01
CA GLU C 115 -6.07 22.60 -24.95
C GLU C 115 -5.74 23.14 -26.34
N PHE C 116 -5.63 22.27 -27.34
CA PHE C 116 -5.24 22.71 -28.67
C PHE C 116 -6.26 22.38 -29.74
N ASN C 117 -6.78 21.18 -29.75
CA ASN C 117 -7.69 20.72 -30.81
C ASN C 117 -9.10 20.69 -30.25
N ARG C 118 -9.89 21.72 -30.57
CA ARG C 118 -11.24 21.80 -29.99
C ARG C 118 -12.26 20.95 -30.72
N SER C 119 -11.86 20.18 -31.74
CA SER C 119 -12.71 19.11 -32.28
C SER C 119 -12.53 17.79 -31.54
N HIS C 120 -11.59 17.71 -30.60
CA HIS C 120 -11.43 16.50 -29.79
C HIS C 120 -12.40 16.61 -28.61
N LEU C 121 -13.45 15.80 -28.63
CA LEU C 121 -14.46 15.82 -27.59
C LEU C 121 -14.77 14.39 -27.14
N PRO C 122 -15.16 14.20 -25.89
CA PRO C 122 -15.53 12.85 -25.43
C PRO C 122 -16.69 12.27 -26.22
N SER C 123 -16.58 10.96 -26.49
CA SER C 123 -17.68 10.22 -27.09
C SER C 123 -18.99 10.51 -26.40
N PHE C 124 -19.00 10.58 -25.06
CA PHE C 124 -20.28 10.83 -24.36
C PHE C 124 -20.76 12.25 -24.62
N ILE C 125 -19.86 13.21 -24.77
CA ILE C 125 -20.28 14.56 -25.06
C ILE C 125 -20.83 14.64 -26.47
N MET C 126 -20.23 13.90 -27.39
CA MET C 126 -20.75 13.84 -28.74
C MET C 126 -22.08 13.11 -28.82
N GLY C 127 -22.58 12.55 -27.72
CA GLY C 127 -23.79 11.74 -27.83
C GLY C 127 -23.67 10.47 -28.64
N GLU C 128 -22.46 9.94 -28.81
CA GLU C 128 -22.27 8.67 -29.48
C GLU C 128 -22.82 7.49 -28.66
N ILE C 129 -23.33 6.51 -29.38
CA ILE C 129 -23.76 5.28 -28.71
C ILE C 129 -22.60 4.72 -27.90
N PRO C 130 -22.79 4.28 -26.66
CA PRO C 130 -21.67 3.71 -25.90
C PRO C 130 -21.21 2.38 -26.47
N GLY C 131 -19.92 2.09 -26.29
CA GLY C 131 -19.37 0.88 -26.82
C GLY C 131 -19.72 -0.35 -25.98
N ASP C 132 -19.68 -1.49 -26.67
CA ASP C 132 -19.96 -2.78 -26.07
C ASP C 132 -18.93 -3.13 -25.01
N TRP C 133 -17.67 -2.75 -25.23
CA TRP C 133 -16.56 -3.00 -24.31
C TRP C 133 -15.93 -1.68 -23.90
N ILE C 134 -15.48 -1.59 -22.65
CA ILE C 134 -14.87 -0.35 -22.16
C ILE C 134 -13.61 -0.70 -21.38
N THR C 135 -12.66 0.22 -21.41
CA THR C 135 -11.58 0.25 -20.45
C THR C 135 -11.49 1.65 -19.87
N VAL C 136 -11.40 1.73 -18.55
CA VAL C 136 -11.36 2.98 -17.79
C VAL C 136 -10.10 3.00 -16.95
N TYR C 137 -9.39 4.12 -16.94
CA TYR C 137 -8.30 4.30 -16.00
C TYR C 137 -8.01 5.78 -15.79
N PRO C 138 -7.50 6.14 -14.62
CA PRO C 138 -7.07 7.51 -14.38
C PRO C 138 -5.70 7.75 -15.00
N PHE C 139 -5.28 9.01 -14.93
CA PHE C 139 -4.04 9.39 -15.57
C PHE C 139 -3.45 10.58 -14.85
N VAL C 140 -2.12 10.53 -14.71
CA VAL C 140 -1.34 11.63 -14.19
C VAL C 140 -0.14 11.84 -15.11
N ARG C 141 0.02 13.06 -15.59
CA ARG C 141 1.16 13.50 -16.37
C ARG C 141 2.40 13.75 -15.51
N SER C 142 3.55 13.72 -16.19
CA SER C 142 4.82 14.13 -15.58
C SER C 142 4.70 15.53 -15.00
N TYR C 143 5.57 15.85 -14.04
CA TYR C 143 5.49 17.13 -13.36
C TYR C 143 5.75 18.29 -14.32
N ASP C 144 6.57 18.05 -15.36
CA ASP C 144 7.00 19.08 -16.30
C ASP C 144 6.07 19.26 -17.49
N TRP C 145 4.96 18.53 -17.55
CA TRP C 145 4.17 18.48 -18.78
C TRP C 145 3.54 19.82 -19.10
N TYR C 146 2.98 20.48 -18.10
CA TYR C 146 2.11 21.63 -18.34
C TYR C 146 2.91 22.92 -18.51
N ILE C 147 4.03 23.07 -17.77
CA ILE C 147 4.92 24.21 -17.96
C ILE C 147 5.81 24.07 -19.18
N MET C 148 5.80 22.90 -19.84
CA MET C 148 6.53 22.72 -21.10
C MET C 148 6.10 23.78 -22.10
N ASP C 149 7.04 24.19 -22.95
CA ASP C 149 6.71 25.13 -24.02
C ASP C 149 5.45 24.67 -24.76
N PRO C 150 4.44 25.54 -24.94
CA PRO C 150 3.17 25.01 -25.47
C PRO C 150 3.29 24.49 -26.89
N GLN C 151 4.18 25.06 -27.72
CA GLN C 151 4.35 24.55 -29.08
C GLN C 151 4.83 23.11 -29.04
N LYS C 152 5.71 22.80 -28.09
CA LYS C 152 6.25 21.44 -27.98
C LYS C 152 5.20 20.45 -27.49
N ARG C 153 4.43 20.84 -26.45
CA ARG C 153 3.35 19.97 -25.99
C ARG C 153 2.30 19.80 -27.11
N ARG C 154 1.96 20.88 -27.81
CA ARG C 154 1.06 20.77 -28.95
C ARG C 154 1.54 19.75 -29.99
N LYS C 155 2.82 19.82 -30.40
CA LYS C 155 3.36 18.84 -31.35
C LYS C 155 3.31 17.42 -30.78
N ILE C 156 3.61 17.26 -29.49
CA ILE C 156 3.59 15.91 -28.94
C ILE C 156 2.17 15.37 -28.95
N LEU C 157 1.19 16.23 -28.61
CA LEU C 157 -0.20 15.75 -28.59
C LEU C 157 -0.72 15.47 -30.00
N ALA C 158 -0.29 16.24 -31.00
CA ALA C 158 -0.72 15.94 -32.36
C ALA C 158 -0.14 14.60 -32.83
N GLU C 159 1.12 14.29 -32.49
CA GLU C 159 1.69 12.99 -32.84
C GLU C 159 0.99 11.86 -32.08
N HIS C 160 0.64 12.14 -30.83
CA HIS C 160 -0.12 11.20 -30.02
C HIS C 160 -1.42 10.84 -30.71
N GLY C 161 -2.14 11.85 -31.19
CA GLY C 161 -3.39 11.58 -31.88
C GLY C 161 -3.19 10.79 -33.16
N GLN C 162 -2.17 11.14 -33.95
CA GLN C 162 -1.94 10.45 -35.22
C GLN C 162 -1.66 8.98 -34.97
N ALA C 163 -0.94 8.67 -33.90
CA ALA C 163 -0.67 7.28 -33.61
C ALA C 163 -1.96 6.46 -33.45
N ALA C 164 -3.11 7.10 -33.20
CA ALA C 164 -4.37 6.38 -33.09
C ALA C 164 -5.15 6.26 -34.42
N ARG C 165 -4.54 6.66 -35.55
CA ARG C 165 -5.23 6.74 -36.85
C ARG C 165 -5.97 5.45 -37.24
N ASP C 166 -5.39 4.29 -36.95
CA ASP C 166 -5.98 3.01 -37.32
C ASP C 166 -7.12 2.56 -36.38
N PHE C 167 -7.49 3.36 -35.42
CA PHE C 167 -8.47 2.90 -34.45
C PHE C 167 -9.66 3.83 -34.35
N PRO C 168 -10.25 4.23 -35.48
CA PRO C 168 -11.41 5.14 -35.40
C PRO C 168 -12.60 4.48 -34.75
N ASP C 169 -12.64 3.14 -34.71
CA ASP C 169 -13.70 2.42 -34.05
C ASP C 169 -13.55 2.40 -32.53
N VAL C 170 -12.41 2.81 -31.99
CA VAL C 170 -12.24 2.97 -30.55
C VAL C 170 -12.50 4.43 -30.24
N ARG C 171 -13.54 4.71 -29.48
CA ARG C 171 -13.94 6.08 -29.17
C ARG C 171 -13.36 6.51 -27.83
N ALA C 172 -12.75 7.70 -27.82
CA ALA C 172 -12.07 8.20 -26.64
C ALA C 172 -12.95 9.11 -25.78
N ASN C 173 -12.68 9.10 -24.47
CA ASN C 173 -13.26 10.02 -23.49
C ASN C 173 -12.09 10.43 -22.61
N THR C 174 -11.47 11.56 -22.92
CA THR C 174 -10.36 12.07 -22.12
C THR C 174 -10.83 13.31 -21.37
N VAL C 175 -10.88 13.24 -20.04
CA VAL C 175 -11.65 14.23 -19.30
C VAL C 175 -10.86 14.71 -18.08
N PRO C 176 -10.77 16.03 -17.86
CA PRO C 176 -10.07 16.52 -16.66
C PRO C 176 -10.62 15.94 -15.37
N ALA C 177 -9.71 15.72 -14.41
CA ALA C 177 -10.07 15.07 -13.17
C ALA C 177 -9.44 15.79 -11.96
N PHE C 178 -8.74 16.90 -12.21
CA PHE C 178 -8.10 17.64 -11.13
C PHE C 178 -9.08 17.94 -10.00
N ALA C 179 -8.65 17.70 -8.77
CA ALA C 179 -9.39 18.07 -7.58
C ALA C 179 -10.67 17.27 -7.39
N LEU C 180 -10.90 16.24 -8.20
CA LEU C 180 -12.04 15.34 -8.02
C LEU C 180 -11.60 13.96 -7.56
N GLY C 181 -10.47 13.88 -6.92
CA GLY C 181 -9.80 12.64 -6.64
C GLY C 181 -8.32 12.87 -6.77
N ASP C 182 -7.56 11.76 -6.80
CA ASP C 182 -6.12 11.80 -6.75
C ASP C 182 -5.47 12.02 -8.12
N TYR C 183 -6.24 12.37 -9.14
CA TYR C 183 -5.77 12.23 -10.52
C TYR C 183 -5.93 13.51 -11.32
N GLU C 184 -5.28 13.52 -12.49
CA GLU C 184 -5.35 14.66 -13.41
C GLU C 184 -6.36 14.45 -14.54
N TRP C 185 -6.54 13.22 -15.02
CA TRP C 185 -7.42 12.93 -16.13
C TRP C 185 -8.15 11.63 -15.83
N MET C 186 -9.38 11.55 -16.31
CA MET C 186 -10.12 10.29 -16.37
C MET C 186 -10.20 9.87 -17.84
N LEU C 187 -9.87 8.62 -18.10
CA LEU C 187 -9.80 8.10 -19.47
C LEU C 187 -10.77 6.95 -19.64
N ALA C 188 -11.56 6.97 -20.72
CA ALA C 188 -12.35 5.80 -21.05
C ALA C 188 -12.34 5.59 -22.55
N PHE C 189 -12.11 4.35 -22.97
CA PHE C 189 -12.06 3.96 -24.37
C PHE C 189 -13.10 2.88 -24.61
N GLU C 190 -13.98 3.11 -25.57
CA GLU C 190 -15.13 2.27 -25.85
C GLU C 190 -14.99 1.69 -27.24
N ALA C 191 -15.28 0.40 -27.41
CA ALA C 191 -15.10 -0.22 -28.71
C ALA C 191 -16.04 -1.39 -28.86
N PRO C 192 -16.24 -1.88 -30.08
CA PRO C 192 -17.12 -3.04 -30.26
C PRO C 192 -16.52 -4.35 -29.80
N ARG C 193 -15.19 -4.45 -29.82
CA ARG C 193 -14.53 -5.65 -29.35
C ARG C 193 -13.36 -5.29 -28.46
N LEU C 194 -13.09 -6.19 -27.51
CA LEU C 194 -12.04 -5.94 -26.53
C LEU C 194 -10.65 -5.91 -27.16
N ASP C 195 -10.38 -6.79 -28.14
CA ASP C 195 -9.05 -6.83 -28.73
C ASP C 195 -8.65 -5.51 -29.37
N ARG C 196 -9.64 -4.69 -29.77
CA ARG C 196 -9.31 -3.39 -30.37
C ARG C 196 -8.71 -2.43 -29.36
N ILE C 197 -9.19 -2.50 -28.12
CA ILE C 197 -8.67 -1.68 -27.02
C ILE C 197 -7.25 -2.12 -26.65
N VAL C 198 -7.04 -3.42 -26.49
CA VAL C 198 -5.69 -3.94 -26.26
C VAL C 198 -4.74 -3.44 -27.33
N ASP C 199 -5.13 -3.57 -28.62
CA ASP C 199 -4.21 -3.21 -29.69
C ASP C 199 -3.97 -1.70 -29.77
N LEU C 200 -5.01 -0.89 -29.54
CA LEU C 200 -4.80 0.56 -29.43
C LEU C 200 -3.78 0.89 -28.34
N MET C 201 -3.96 0.34 -27.14
CA MET C 201 -3.06 0.71 -26.04
C MET C 201 -1.62 0.38 -26.39
N HIS C 202 -1.42 -0.76 -27.03
CA HIS C 202 -0.07 -1.21 -27.38
C HIS C 202 0.55 -0.26 -28.39
N LYS C 203 -0.21 0.12 -29.42
CA LYS C 203 0.29 1.05 -30.42
C LYS C 203 0.58 2.42 -29.82
N MET C 204 -0.26 2.88 -28.89
CA MET C 204 -0.05 4.21 -28.30
C MET C 204 1.21 4.28 -27.42
N ARG C 205 1.82 3.15 -27.07
CA ARG C 205 3.12 3.20 -26.39
C ARG C 205 4.21 3.82 -27.27
N TYR C 206 4.02 3.79 -28.59
CA TYR C 206 5.01 4.25 -29.56
C TYR C 206 4.84 5.74 -29.82
N THR C 207 4.92 6.52 -28.73
CA THR C 207 4.70 7.95 -28.85
C THR C 207 5.59 8.67 -27.86
N GLU C 208 5.96 9.91 -28.22
CA GLU C 208 6.73 10.75 -27.30
C GLU C 208 5.95 11.10 -26.04
N ALA C 209 4.62 11.17 -26.12
CA ALA C 209 3.82 11.48 -24.93
C ALA C 209 4.15 10.55 -23.78
N ARG C 210 4.60 9.34 -24.07
CA ARG C 210 4.89 8.34 -23.06
C ARG C 210 6.03 8.75 -22.13
N LEU C 211 6.89 9.67 -22.56
CA LEU C 211 7.95 10.22 -21.74
C LEU C 211 7.45 11.27 -20.78
N HIS C 212 6.14 11.46 -20.67
CA HIS C 212 5.58 12.50 -19.79
C HIS C 212 4.39 11.93 -19.04
N VAL C 213 4.63 10.79 -18.38
CA VAL C 213 3.60 10.06 -17.64
C VAL C 213 4.12 9.69 -16.26
N ARG C 214 3.25 9.80 -15.25
CA ARG C 214 3.55 9.34 -13.89
C ARG C 214 2.66 8.22 -13.40
N GLU C 215 1.37 8.21 -13.75
CA GLU C 215 0.46 7.20 -13.21
C GLU C 215 -0.68 6.94 -14.18
N GLU C 216 -1.11 5.69 -14.24
CA GLU C 216 -2.16 5.31 -15.18
C GLU C 216 -2.89 4.07 -14.70
N THR C 217 -2.88 3.77 -13.41
CA THR C 217 -3.59 2.60 -12.88
C THR C 217 -4.38 3.05 -11.66
N PRO C 218 -5.43 2.32 -11.27
CA PRO C 218 -5.91 1.01 -11.73
C PRO C 218 -6.69 1.05 -13.04
N PHE C 219 -6.62 -0.05 -13.79
CA PHE C 219 -7.48 -0.25 -14.98
C PHE C 219 -8.75 -1.01 -14.60
N PHE C 220 -9.87 -0.63 -15.22
CA PHE C 220 -11.13 -1.38 -15.13
C PHE C 220 -11.66 -1.65 -16.53
N THR C 221 -11.82 -2.93 -16.87
CA THR C 221 -12.19 -3.35 -18.22
C THR C 221 -13.38 -4.28 -18.14
N GLY C 222 -14.40 -4.01 -18.93
CA GLY C 222 -15.47 -4.98 -18.97
C GLY C 222 -16.48 -4.68 -20.05
N ARG C 223 -17.61 -5.36 -19.92
CA ARG C 223 -18.62 -5.52 -20.94
C ARG C 223 -19.88 -4.78 -20.51
N ARG C 224 -20.42 -3.99 -21.39
CA ARG C 224 -21.66 -3.29 -21.13
C ARG C 224 -22.83 -4.26 -21.14
N VAL C 225 -23.65 -4.24 -20.08
CA VAL C 225 -24.84 -5.09 -20.02
C VAL C 225 -26.06 -4.26 -20.42
N SER C 226 -27.07 -4.94 -20.98
CA SER C 226 -28.25 -4.23 -21.44
C SER C 226 -29.22 -3.91 -20.32
N GLU C 227 -29.09 -4.59 -19.18
CA GLU C 227 -30.14 -4.63 -18.15
C GLU C 227 -29.49 -4.94 -16.80
N VAL C 228 -29.94 -4.26 -15.74
CA VAL C 228 -29.42 -4.59 -14.41
C VAL C 228 -29.62 -6.07 -14.13
N SER C 229 -30.68 -6.65 -14.69
CA SER C 229 -30.91 -8.09 -14.61
C SER C 229 -29.66 -8.86 -14.96
N GLU C 230 -29.07 -8.57 -16.13
CA GLU C 230 -28.02 -9.42 -16.67
C GLU C 230 -26.80 -9.38 -15.77
N LEU C 231 -26.51 -8.22 -15.19
CA LEU C 231 -25.34 -8.10 -14.32
C LEU C 231 -25.57 -8.84 -13.00
N VAL C 232 -26.71 -8.59 -12.34
CA VAL C 232 -26.89 -9.15 -11.00
C VAL C 232 -26.74 -10.67 -11.01
N ASN C 233 -27.16 -11.32 -12.09
CA ASN C 233 -27.16 -12.78 -12.11
C ASN C 233 -25.81 -13.38 -12.48
N VAL C 234 -24.83 -12.55 -12.85
CA VAL C 234 -23.45 -13.01 -12.98
C VAL C 234 -22.74 -13.03 -11.62
N LEU C 235 -23.15 -12.18 -10.68
CA LEU C 235 -22.33 -11.92 -9.51
C LEU C 235 -22.16 -13.17 -8.65
N PRO C 236 -21.04 -13.27 -7.94
CA PRO C 236 -20.89 -14.34 -6.96
C PRO C 236 -21.78 -14.10 -5.75
N GLY C 237 -22.40 -15.16 -5.26
CA GLY C 237 -23.33 -15.10 -4.14
C GLY C 237 -22.66 -14.87 -2.79
N GLU D 10 3.39 -18.23 -38.46
CA GLU D 10 2.53 -18.47 -39.62
C GLU D 10 1.06 -18.18 -39.30
N GLU D 11 0.24 -19.24 -39.29
CA GLU D 11 -1.11 -19.15 -38.71
C GLU D 11 -1.07 -19.00 -37.20
N LEU D 12 0.04 -19.37 -36.54
CA LEU D 12 0.10 -19.21 -35.09
C LEU D 12 0.31 -17.75 -34.67
N ASN D 13 1.00 -16.96 -35.49
CA ASN D 13 1.06 -15.52 -35.22
C ASN D 13 -0.32 -14.88 -35.36
N SER D 14 -1.12 -15.40 -36.29
CA SER D 14 -2.41 -14.87 -36.70
C SER D 14 -3.54 -15.12 -35.71
N MET D 15 -3.42 -16.17 -34.90
CA MET D 15 -4.57 -16.71 -34.18
C MET D 15 -4.90 -15.87 -32.95
N GLN D 16 -6.16 -15.98 -32.53
CA GLN D 16 -6.72 -15.20 -31.44
C GLN D 16 -6.85 -16.11 -30.23
N ARG D 17 -6.16 -15.77 -29.16
CA ARG D 17 -6.20 -16.52 -27.91
C ARG D 17 -5.99 -15.56 -26.76
N TYR D 18 -6.98 -15.46 -25.89
CA TYR D 18 -6.77 -14.86 -24.58
C TYR D 18 -6.27 -15.91 -23.59
N SER D 19 -5.46 -15.46 -22.64
CA SER D 19 -4.89 -16.32 -21.61
C SER D 19 -5.14 -15.63 -20.27
N GLN D 20 -5.60 -16.38 -19.28
CA GLN D 20 -5.78 -15.86 -17.93
C GLN D 20 -5.12 -16.77 -16.90
N PHE D 21 -4.35 -16.17 -15.99
CA PHE D 21 -3.90 -16.78 -14.75
C PHE D 21 -4.82 -16.30 -13.63
N ALA D 22 -5.67 -17.19 -13.14
CA ALA D 22 -6.61 -16.86 -12.08
C ALA D 22 -6.03 -17.42 -10.77
N VAL D 23 -5.55 -16.53 -9.90
CA VAL D 23 -4.92 -16.93 -8.65
C VAL D 23 -5.95 -16.80 -7.52
N PHE D 24 -6.08 -17.85 -6.72
CA PHE D 24 -7.04 -17.92 -5.64
C PHE D 24 -6.35 -18.14 -4.31
N ARG D 25 -7.01 -17.68 -3.24
CA ARG D 25 -6.53 -17.83 -1.88
C ARG D 25 -7.58 -18.61 -1.11
N ALA D 26 -7.14 -19.48 -0.21
CA ALA D 26 -8.08 -20.23 0.60
C ALA D 26 -8.56 -19.38 1.77
N ILE D 27 -9.78 -19.63 2.19
CA ILE D 27 -10.35 -19.00 3.37
C ILE D 27 -10.30 -20.01 4.51
N PRO D 28 -9.47 -19.83 5.53
CA PRO D 28 -9.44 -20.80 6.62
C PRO D 28 -10.84 -21.01 7.17
N GLY D 29 -11.19 -22.28 7.38
CA GLY D 29 -12.47 -22.63 7.95
C GLY D 29 -13.59 -22.82 6.96
N ALA D 30 -13.44 -22.39 5.71
CA ALA D 30 -14.57 -22.49 4.79
C ALA D 30 -14.69 -23.87 4.18
N LEU D 31 -13.58 -24.59 4.04
CA LEU D 31 -13.55 -25.80 3.21
C LEU D 31 -13.94 -27.06 3.98
N GLY D 32 -13.61 -27.14 5.27
CA GLY D 32 -13.92 -28.32 6.05
C GLY D 32 -12.96 -29.48 5.82
N SER D 33 -13.28 -30.62 6.43
CA SER D 33 -12.38 -31.79 6.40
C SER D 33 -12.85 -32.88 5.46
N ASP D 34 -14.16 -33.04 5.25
CA ASP D 34 -14.69 -34.05 4.33
C ASP D 34 -14.79 -33.44 2.93
N ARG D 35 -13.99 -33.95 2.00
CA ARG D 35 -13.78 -33.26 0.74
C ARG D 35 -13.98 -34.12 -0.51
N ALA D 36 -14.28 -35.40 -0.37
CA ALA D 36 -14.37 -36.28 -1.55
C ALA D 36 -15.40 -35.75 -2.54
N GLU D 37 -16.52 -35.26 -2.04
CA GLU D 37 -17.57 -34.77 -2.93
C GLU D 37 -17.19 -33.42 -3.51
N ILE D 38 -16.46 -32.60 -2.74
CA ILE D 38 -15.88 -31.39 -3.31
C ILE D 38 -14.92 -31.73 -4.45
N VAL D 39 -14.02 -32.70 -4.24
CA VAL D 39 -13.14 -33.16 -5.31
C VAL D 39 -13.95 -33.60 -6.52
N ALA D 40 -14.91 -34.50 -6.32
CA ALA D 40 -15.69 -35.03 -7.43
C ALA D 40 -16.35 -33.93 -8.23
N GLN D 41 -16.91 -32.93 -7.53
CA GLN D 41 -17.62 -31.86 -8.20
C GLN D 41 -16.67 -30.97 -9.03
N ALA D 42 -15.47 -30.72 -8.53
CA ALA D 42 -14.54 -29.85 -9.25
C ALA D 42 -14.03 -30.53 -10.51
N GLN D 43 -13.61 -31.79 -10.40
CA GLN D 43 -13.15 -32.48 -11.61
C GLN D 43 -14.28 -32.53 -12.65
N SER D 44 -15.49 -32.79 -12.18
CA SER D 44 -16.63 -32.74 -13.10
C SER D 44 -16.69 -31.41 -13.81
N PHE D 45 -16.56 -30.30 -13.06
CA PHE D 45 -16.54 -28.96 -13.65
C PHE D 45 -15.49 -28.85 -14.75
N PHE D 46 -14.25 -29.21 -14.43
CA PHE D 46 -13.19 -29.11 -15.42
C PHE D 46 -13.40 -30.09 -16.56
N ASP D 47 -13.96 -31.26 -16.26
CA ASP D 47 -14.32 -32.20 -17.31
C ASP D 47 -15.33 -31.58 -18.26
N GLY D 48 -16.37 -30.97 -17.71
CA GLY D 48 -17.38 -30.32 -18.55
C GLY D 48 -16.79 -29.24 -19.42
N LEU D 49 -15.90 -28.40 -18.85
CA LEU D 49 -15.22 -27.37 -19.63
C LEU D 49 -14.48 -27.97 -20.82
N GLU D 50 -13.74 -29.04 -20.59
CA GLU D 50 -12.88 -29.59 -21.63
C GLU D 50 -13.70 -30.16 -22.77
N THR D 51 -14.78 -30.87 -22.45
CA THR D 51 -15.63 -31.41 -23.50
C THR D 51 -16.32 -30.30 -24.29
N ALA D 52 -16.66 -29.19 -23.65
CA ALA D 52 -17.33 -28.09 -24.34
C ALA D 52 -16.45 -27.41 -25.37
N GLY D 53 -15.15 -27.69 -25.39
CA GLY D 53 -14.30 -27.26 -26.48
C GLY D 53 -13.94 -25.80 -26.53
N LYS D 54 -14.41 -24.98 -25.60
CA LYS D 54 -14.18 -23.54 -25.69
C LYS D 54 -13.10 -23.03 -24.74
N VAL D 55 -12.96 -23.55 -23.52
CA VAL D 55 -11.93 -23.07 -22.60
C VAL D 55 -10.95 -24.20 -22.35
N GLU D 56 -9.68 -23.95 -22.63
CA GLU D 56 -8.63 -24.94 -22.42
C GLU D 56 -7.95 -24.65 -21.08
N VAL D 57 -8.01 -25.61 -20.17
CA VAL D 57 -7.26 -25.53 -18.91
C VAL D 57 -5.87 -26.11 -19.18
N ARG D 58 -4.88 -25.23 -19.16
CA ARG D 58 -3.50 -25.68 -19.37
C ARG D 58 -2.91 -26.26 -18.11
N GLY D 59 -3.30 -25.75 -16.96
CA GLY D 59 -2.83 -26.35 -15.73
C GLY D 59 -3.56 -25.79 -14.53
N ILE D 60 -3.70 -26.61 -13.50
CA ILE D 60 -4.07 -26.17 -12.16
C ILE D 60 -2.82 -26.31 -11.32
N TYR D 61 -2.47 -25.27 -10.53
CA TYR D 61 -1.18 -25.24 -9.85
C TYR D 61 -1.32 -25.05 -8.35
N ASP D 62 -0.52 -25.83 -7.62
CA ASP D 62 -0.38 -25.74 -6.17
C ASP D 62 0.69 -24.70 -5.86
N LEU D 63 0.26 -23.54 -5.37
CA LEU D 63 1.11 -22.43 -4.99
C LEU D 63 1.44 -22.44 -3.50
N ALA D 64 1.08 -23.49 -2.79
CA ALA D 64 1.33 -23.53 -1.35
C ALA D 64 2.78 -23.19 -1.04
N GLY D 65 2.98 -22.20 -0.17
CA GLY D 65 4.29 -21.79 0.27
C GLY D 65 5.00 -20.81 -0.61
N CYS D 66 4.41 -20.40 -1.73
CA CYS D 66 5.07 -19.39 -2.56
C CYS D 66 4.98 -17.99 -1.93
N ARG D 67 3.78 -17.58 -1.51
CA ARG D 67 3.60 -16.24 -0.98
C ARG D 67 2.36 -16.20 -0.08
N ALA D 68 2.39 -15.25 0.84
CA ALA D 68 1.22 -15.00 1.68
C ALA D 68 0.04 -14.62 0.78
N GLU D 69 -1.15 -15.11 1.11
CA GLU D 69 -2.39 -14.63 0.50
C GLU D 69 -2.63 -15.21 -0.89
N ALA D 70 -2.00 -16.33 -1.21
CA ALA D 70 -2.31 -17.03 -2.46
C ALA D 70 -2.09 -18.51 -2.21
N ASP D 71 -2.93 -19.35 -2.84
CA ASP D 71 -2.83 -20.79 -2.63
C ASP D 71 -2.88 -21.63 -3.90
N PHE D 72 -3.62 -21.22 -4.94
CA PHE D 72 -3.61 -22.00 -6.16
C PHE D 72 -3.94 -21.10 -7.35
N MET D 73 -3.73 -21.65 -8.54
CA MET D 73 -3.87 -20.87 -9.77
C MET D 73 -4.43 -21.76 -10.86
N ILE D 74 -5.28 -21.18 -11.68
CA ILE D 74 -5.82 -21.85 -12.85
C ILE D 74 -5.28 -21.08 -14.03
N TRP D 75 -4.67 -21.79 -14.97
CA TRP D 75 -4.24 -21.18 -16.22
C TRP D 75 -5.19 -21.70 -17.28
N TRP D 76 -6.04 -20.83 -17.81
CA TRP D 76 -6.94 -21.27 -18.86
C TRP D 76 -6.96 -20.27 -20.00
N ILE D 77 -7.36 -20.77 -21.15
CA ILE D 77 -7.12 -20.12 -22.43
C ILE D 77 -8.35 -20.28 -23.30
N ALA D 78 -8.66 -19.26 -24.10
CA ALA D 78 -9.79 -19.36 -25.00
C ALA D 78 -9.74 -18.31 -26.09
N GLU D 79 -10.41 -18.61 -27.20
CA GLU D 79 -10.37 -17.68 -28.32
C GLU D 79 -11.05 -16.36 -27.97
N GLU D 80 -12.07 -16.39 -27.11
CA GLU D 80 -12.83 -15.21 -26.76
C GLU D 80 -12.73 -14.97 -25.26
N PHE D 81 -12.45 -13.71 -24.87
CA PHE D 81 -12.36 -13.39 -23.44
C PHE D 81 -13.69 -13.63 -22.74
N GLU D 82 -14.81 -13.40 -23.44
CA GLU D 82 -16.11 -13.70 -22.87
C GLU D 82 -16.19 -15.14 -22.37
N GLU D 83 -15.46 -16.05 -23.01
CA GLU D 83 -15.49 -17.46 -22.63
C GLU D 83 -14.71 -17.68 -21.35
N ILE D 84 -13.63 -16.93 -21.14
CA ILE D 84 -12.95 -16.97 -19.87
C ILE D 84 -13.79 -16.29 -18.79
N GLN D 85 -14.48 -15.20 -19.14
CA GLN D 85 -15.31 -14.54 -18.14
C GLN D 85 -16.37 -15.52 -17.62
N ALA D 86 -17.00 -16.25 -18.53
CA ALA D 86 -18.06 -17.18 -18.17
C ALA D 86 -17.52 -18.33 -17.33
N ALA D 87 -16.40 -18.94 -17.76
CA ALA D 87 -15.82 -20.02 -16.95
C ALA D 87 -15.37 -19.52 -15.59
N PHE D 88 -14.78 -18.32 -15.53
CA PHE D 88 -14.38 -17.75 -14.26
C PHE D 88 -15.58 -17.61 -13.33
N ALA D 89 -16.69 -17.09 -13.86
CA ALA D 89 -17.87 -16.84 -13.04
C ALA D 89 -18.51 -18.15 -12.62
N ARG D 90 -18.63 -19.10 -13.54
CA ARG D 90 -19.21 -20.40 -13.18
C ARG D 90 -18.39 -21.08 -12.09
N PHE D 91 -17.06 -21.16 -12.25
CA PHE D 91 -16.21 -21.72 -11.22
C PHE D 91 -16.50 -21.10 -9.87
N ARG D 92 -16.57 -19.77 -9.80
CA ARG D 92 -16.80 -19.11 -8.53
C ARG D 92 -18.20 -19.39 -8.00
N ARG D 93 -19.20 -19.31 -8.87
CA ARG D 93 -20.60 -19.38 -8.48
C ARG D 93 -21.09 -20.80 -8.25
N GLU D 94 -20.53 -21.81 -8.95
CA GLU D 94 -21.18 -23.12 -9.03
C GLU D 94 -20.31 -24.31 -8.64
N THR D 95 -19.09 -24.07 -8.14
CA THR D 95 -18.26 -25.13 -7.58
C THR D 95 -18.05 -24.81 -6.10
N VAL D 96 -18.05 -25.83 -5.25
CA VAL D 96 -17.76 -25.53 -3.85
C VAL D 96 -16.35 -24.96 -3.72
N LEU D 97 -15.41 -25.49 -4.49
CA LEU D 97 -14.05 -24.97 -4.41
C LEU D 97 -14.03 -23.46 -4.71
N GLY D 98 -14.79 -23.04 -5.73
CA GLY D 98 -14.84 -21.61 -6.01
C GLY D 98 -15.57 -20.82 -4.93
N GLN D 99 -16.65 -21.39 -4.41
CA GLN D 99 -17.38 -20.74 -3.33
C GLN D 99 -16.52 -20.49 -2.10
N VAL D 100 -15.56 -21.37 -1.81
CA VAL D 100 -14.79 -21.26 -0.57
C VAL D 100 -13.44 -20.60 -0.78
N SER D 101 -13.16 -20.10 -1.97
CA SER D 101 -11.89 -19.42 -2.21
C SER D 101 -12.15 -17.97 -2.60
N GLU D 102 -11.13 -17.14 -2.39
CA GLU D 102 -11.14 -15.71 -2.68
C GLU D 102 -10.26 -15.48 -3.89
N VAL D 103 -10.65 -14.54 -4.76
CA VAL D 103 -9.82 -14.19 -5.91
C VAL D 103 -8.71 -13.29 -5.39
N ALA D 104 -7.47 -13.66 -5.62
CA ALA D 104 -6.29 -12.96 -5.14
C ALA D 104 -5.66 -12.05 -6.19
N TRP D 105 -5.66 -12.48 -7.45
CA TRP D 105 -5.00 -11.76 -8.52
C TRP D 105 -5.36 -12.42 -9.83
N LEU D 106 -5.59 -11.59 -10.84
CA LEU D 106 -5.95 -12.04 -12.19
C LEU D 106 -4.92 -11.50 -13.18
N GLY D 107 -4.31 -12.41 -13.95
CA GLY D 107 -3.34 -12.02 -14.96
C GLY D 107 -3.82 -12.35 -16.35
N ASN D 108 -4.31 -11.34 -17.06
CA ASN D 108 -4.96 -11.49 -18.35
C ASN D 108 -4.03 -11.09 -19.48
N SER D 109 -4.14 -11.77 -20.62
CA SER D 109 -3.29 -11.43 -21.75
C SER D 109 -3.94 -11.87 -23.05
N LEU D 110 -3.41 -11.31 -24.14
CA LEU D 110 -3.92 -11.57 -25.49
C LEU D 110 -2.75 -11.83 -26.43
N HIS D 111 -2.68 -13.02 -27.02
CA HIS D 111 -1.53 -13.36 -27.85
C HIS D 111 -1.41 -12.45 -29.07
N ARG D 112 -0.19 -11.98 -29.35
CA ARG D 112 0.15 -11.17 -30.53
C ARG D 112 1.52 -11.56 -31.09
N PRO D 113 1.76 -11.35 -32.39
CA PRO D 113 3.12 -11.59 -32.92
C PRO D 113 4.12 -10.70 -32.21
N ALA D 114 5.32 -11.23 -32.00
CA ALA D 114 6.41 -10.42 -31.48
C ALA D 114 6.77 -9.31 -32.48
N GLU D 115 7.47 -8.31 -31.95
CA GLU D 115 7.73 -7.09 -32.70
C GLU D 115 8.74 -7.33 -33.82
N PHE D 116 9.82 -8.05 -33.50
CA PHE D 116 10.94 -8.23 -34.41
C PHE D 116 11.18 -9.67 -34.85
N ASN D 117 10.82 -10.66 -34.03
CA ASN D 117 11.05 -12.06 -34.34
C ASN D 117 9.75 -12.84 -34.30
N ARG D 118 9.07 -12.91 -35.45
N ARG D 118 9.07 -12.91 -35.45
CA ARG D 118 7.79 -13.61 -35.60
CA ARG D 118 7.79 -13.60 -35.55
C ARG D 118 7.91 -15.12 -35.47
C ARG D 118 7.90 -15.08 -35.18
N SER D 119 9.11 -15.65 -35.19
CA SER D 119 9.25 -17.06 -34.80
C SER D 119 9.20 -17.26 -33.29
N HIS D 120 9.17 -16.17 -32.51
CA HIS D 120 9.01 -16.25 -31.06
C HIS D 120 7.52 -16.37 -30.74
N LEU D 121 7.11 -17.54 -30.28
CA LEU D 121 5.71 -17.82 -29.99
C LEU D 121 5.60 -18.43 -28.61
N PRO D 122 4.55 -18.08 -27.85
CA PRO D 122 4.37 -18.69 -26.53
C PRO D 122 4.25 -20.20 -26.64
N SER D 123 4.74 -20.89 -25.62
CA SER D 123 4.73 -22.34 -25.65
C SER D 123 3.31 -22.88 -25.74
N PHE D 124 2.34 -22.20 -25.12
CA PHE D 124 0.96 -22.71 -25.17
C PHE D 124 0.36 -22.50 -26.55
N ILE D 125 0.82 -21.49 -27.26
CA ILE D 125 0.40 -21.32 -28.64
C ILE D 125 1.03 -22.40 -29.51
N MET D 126 2.29 -22.72 -29.26
N MET D 126 2.29 -22.72 -29.26
CA MET D 126 2.97 -23.78 -29.98
CA MET D 126 2.94 -23.79 -30.00
C MET D 126 2.35 -25.14 -29.69
C MET D 126 2.30 -25.14 -29.73
N GLY D 127 1.43 -25.21 -28.73
CA GLY D 127 0.80 -26.46 -28.37
C GLY D 127 1.72 -27.40 -27.62
N GLU D 128 2.78 -26.87 -27.03
CA GLU D 128 3.69 -27.71 -26.26
C GLU D 128 3.04 -28.15 -24.95
N ILE D 129 3.42 -29.36 -24.51
CA ILE D 129 2.93 -29.93 -23.26
C ILE D 129 3.30 -29.00 -22.10
N PRO D 130 2.36 -28.64 -21.22
CA PRO D 130 2.73 -27.73 -20.11
C PRO D 130 3.80 -28.32 -19.21
N GLY D 131 4.66 -27.45 -18.67
CA GLY D 131 5.72 -27.90 -17.78
C GLY D 131 5.23 -28.17 -16.37
N ASP D 132 5.99 -29.02 -15.67
CA ASP D 132 5.56 -29.48 -14.35
C ASP D 132 5.61 -28.37 -13.31
N TRP D 133 6.49 -27.40 -13.50
CA TRP D 133 6.65 -26.27 -12.61
C TRP D 133 6.47 -24.99 -13.39
N ILE D 134 5.94 -23.95 -12.75
CA ILE D 134 5.68 -22.68 -13.41
C ILE D 134 5.96 -21.52 -12.49
N THR D 135 6.36 -20.42 -13.10
CA THR D 135 6.35 -19.14 -12.43
C THR D 135 5.66 -18.16 -13.37
N VAL D 136 4.75 -17.37 -12.82
CA VAL D 136 3.97 -16.39 -13.57
C VAL D 136 4.22 -15.04 -12.92
N TYR D 137 4.36 -14.00 -13.74
CA TYR D 137 4.39 -12.65 -13.19
C TYR D 137 4.04 -11.65 -14.28
N PRO D 138 3.53 -10.49 -13.90
CA PRO D 138 3.30 -9.41 -14.87
C PRO D 138 4.58 -8.63 -15.11
N PHE D 139 4.53 -7.74 -16.10
CA PHE D 139 5.70 -6.99 -16.47
C PHE D 139 5.32 -5.65 -17.06
N VAL D 140 6.12 -4.65 -16.72
CA VAL D 140 5.93 -3.30 -17.22
C VAL D 140 7.31 -2.77 -17.58
N ARG D 141 7.45 -2.30 -18.81
CA ARG D 141 8.69 -1.78 -19.35
C ARG D 141 8.87 -0.32 -18.98
N SER D 142 10.10 0.15 -19.13
CA SER D 142 10.39 1.57 -18.91
C SER D 142 9.55 2.42 -19.84
N TYR D 143 9.37 3.68 -19.46
CA TYR D 143 8.52 4.57 -20.25
C TYR D 143 9.09 4.80 -21.64
N ASP D 144 10.42 4.79 -21.77
CA ASP D 144 11.10 5.09 -23.03
C ASP D 144 11.25 3.90 -23.97
N TRP D 145 10.75 2.72 -23.58
CA TRP D 145 11.15 1.49 -24.26
C TRP D 145 10.59 1.39 -25.66
N TYR D 146 9.33 1.74 -25.86
CA TYR D 146 8.70 1.50 -27.15
C TYR D 146 9.03 2.60 -28.15
N ILE D 147 9.20 3.84 -27.66
CA ILE D 147 9.59 4.97 -28.50
C ILE D 147 11.09 5.00 -28.74
N MET D 148 11.84 4.13 -28.08
CA MET D 148 13.27 4.00 -28.34
C MET D 148 13.49 3.74 -29.83
N ASP D 149 14.64 4.18 -30.31
CA ASP D 149 15.08 3.82 -31.66
C ASP D 149 14.86 2.32 -31.89
N PRO D 150 14.04 1.94 -32.86
CA PRO D 150 13.70 0.52 -33.04
C PRO D 150 14.88 -0.41 -33.18
N GLN D 151 15.97 0.01 -33.81
CA GLN D 151 17.07 -0.92 -34.02
C GLN D 151 17.88 -1.10 -32.75
N LYS D 152 17.89 -0.11 -31.86
CA LYS D 152 18.47 -0.30 -30.54
C LYS D 152 17.63 -1.27 -29.71
N ARG D 153 16.31 -1.08 -29.70
CA ARG D 153 15.45 -2.03 -29.00
C ARG D 153 15.63 -3.43 -29.58
N ARG D 154 15.75 -3.51 -30.90
CA ARG D 154 15.92 -4.80 -31.55
C ARG D 154 17.19 -5.51 -31.08
N LYS D 155 18.32 -4.80 -31.07
CA LYS D 155 19.57 -5.39 -30.58
C LYS D 155 19.44 -5.84 -29.12
N ILE D 156 18.86 -5.00 -28.26
CA ILE D 156 18.72 -5.38 -26.84
C ILE D 156 17.90 -6.65 -26.71
N LEU D 157 16.81 -6.76 -27.49
CA LEU D 157 15.98 -7.96 -27.43
C LEU D 157 16.70 -9.18 -28.02
N ALA D 158 17.54 -8.96 -29.04
CA ALA D 158 18.36 -10.07 -29.53
C ALA D 158 19.35 -10.53 -28.46
N GLU D 159 20.01 -9.60 -27.80
CA GLU D 159 20.92 -9.98 -26.72
C GLU D 159 20.17 -10.67 -25.59
N HIS D 160 18.97 -10.17 -25.27
CA HIS D 160 18.08 -10.82 -24.32
C HIS D 160 17.82 -12.25 -24.73
N GLY D 161 17.43 -12.46 -25.98
CA GLY D 161 17.21 -13.81 -26.46
C GLY D 161 18.45 -14.67 -26.38
N GLN D 162 19.61 -14.13 -26.75
CA GLN D 162 20.82 -14.94 -26.70
C GLN D 162 21.09 -15.40 -25.27
N ALA D 163 20.79 -14.54 -24.29
CA ALA D 163 21.09 -14.91 -22.91
C ALA D 163 20.24 -16.07 -22.43
N ALA D 164 19.07 -16.30 -23.03
CA ALA D 164 18.22 -17.40 -22.62
C ALA D 164 18.56 -18.74 -23.27
N ARG D 165 19.41 -18.80 -24.28
CA ARG D 165 19.39 -20.12 -24.92
C ARG D 165 20.21 -21.14 -24.14
N ASP D 166 20.77 -20.79 -23.00
CA ASP D 166 21.25 -21.83 -22.09
C ASP D 166 20.11 -22.57 -21.38
N PHE D 167 18.85 -22.17 -21.59
CA PHE D 167 17.70 -22.75 -20.89
C PHE D 167 16.65 -23.23 -21.88
N PRO D 168 17.03 -24.10 -22.82
CA PRO D 168 16.04 -24.59 -23.79
C PRO D 168 14.98 -25.44 -23.14
N ASP D 169 15.28 -26.01 -21.97
CA ASP D 169 14.30 -26.76 -21.20
C ASP D 169 13.27 -25.89 -20.47
N VAL D 170 13.44 -24.56 -20.42
CA VAL D 170 12.48 -23.66 -19.77
C VAL D 170 11.71 -22.97 -20.89
N ARG D 171 10.41 -23.25 -20.99
CA ARG D 171 9.59 -22.71 -22.07
C ARG D 171 8.93 -21.39 -21.66
N ALA D 172 9.01 -20.40 -22.55
CA ALA D 172 8.55 -19.05 -22.31
C ALA D 172 7.18 -18.82 -22.91
N ASN D 173 6.38 -18.01 -22.21
CA ASN D 173 5.13 -17.45 -22.71
C ASN D 173 5.17 -15.95 -22.38
N THR D 174 5.37 -15.11 -23.38
CA THR D 174 5.43 -13.67 -23.19
C THR D 174 4.29 -13.08 -24.01
N VAL D 175 3.30 -12.53 -23.32
CA VAL D 175 2.03 -12.20 -23.97
C VAL D 175 1.56 -10.80 -23.62
N PRO D 176 1.15 -9.97 -24.61
CA PRO D 176 0.61 -8.64 -24.30
C PRO D 176 -0.55 -8.68 -23.31
N ALA D 177 -0.56 -7.71 -22.39
CA ALA D 177 -1.58 -7.60 -21.35
C ALA D 177 -2.17 -6.19 -21.28
N PHE D 178 -1.83 -5.31 -22.23
CA PHE D 178 -2.29 -3.92 -22.23
C PHE D 178 -3.80 -3.84 -22.13
N ALA D 179 -4.30 -3.09 -21.14
CA ALA D 179 -5.72 -2.79 -20.91
C ALA D 179 -6.50 -4.00 -20.40
N LEU D 180 -5.82 -5.07 -20.04
CA LEU D 180 -6.46 -6.21 -19.41
C LEU D 180 -6.16 -6.25 -17.92
N GLY D 181 -5.83 -5.11 -17.33
CA GLY D 181 -5.31 -4.99 -15.98
C GLY D 181 -4.28 -3.90 -15.99
N ASP D 182 -3.41 -3.92 -14.99
CA ASP D 182 -2.49 -2.82 -14.72
C ASP D 182 -1.17 -2.95 -15.47
N TYR D 183 -1.01 -3.95 -16.35
CA TYR D 183 0.30 -4.34 -16.83
C TYR D 183 0.44 -4.31 -18.35
N GLU D 184 1.69 -4.44 -18.82
CA GLU D 184 1.98 -4.45 -20.25
C GLU D 184 2.14 -5.85 -20.81
N TRP D 185 2.63 -6.79 -20.02
CA TRP D 185 2.90 -8.14 -20.49
C TRP D 185 2.57 -9.11 -19.35
N MET D 186 2.19 -10.31 -19.74
CA MET D 186 2.02 -11.44 -18.83
C MET D 186 3.13 -12.42 -19.21
N LEU D 187 3.91 -12.83 -18.21
CA LEU D 187 5.04 -13.72 -18.43
C LEU D 187 4.85 -15.01 -17.65
N ALA D 188 5.11 -16.14 -18.31
CA ALA D 188 4.98 -17.44 -17.67
C ALA D 188 6.09 -18.36 -18.16
N PHE D 189 6.78 -19.01 -17.23
CA PHE D 189 7.93 -19.87 -17.55
C PHE D 189 7.67 -21.24 -16.95
N GLU D 190 7.76 -22.26 -17.81
CA GLU D 190 7.40 -23.63 -17.47
C GLU D 190 8.63 -24.52 -17.65
N ALA D 191 8.86 -25.39 -16.68
CA ALA D 191 10.08 -26.18 -16.71
C ALA D 191 9.83 -27.49 -15.99
N PRO D 192 10.65 -28.52 -16.27
CA PRO D 192 10.52 -29.75 -15.49
C PRO D 192 11.01 -29.60 -14.05
N ARG D 193 11.95 -28.72 -13.76
CA ARG D 193 12.44 -28.57 -12.41
C ARG D 193 12.52 -27.10 -12.02
N LEU D 194 12.14 -26.82 -10.78
CA LEU D 194 12.03 -25.45 -10.32
C LEU D 194 13.37 -24.74 -10.33
N ASP D 195 14.45 -25.48 -10.07
CA ASP D 195 15.75 -24.81 -9.98
C ASP D 195 16.20 -24.23 -11.31
N ARG D 196 15.68 -24.74 -12.42
CA ARG D 196 16.04 -24.20 -13.72
C ARG D 196 15.32 -22.89 -13.98
N ILE D 197 14.09 -22.74 -13.48
CA ILE D 197 13.41 -21.44 -13.54
C ILE D 197 14.14 -20.41 -12.69
N VAL D 198 14.57 -20.79 -11.48
CA VAL D 198 15.33 -19.86 -10.63
C VAL D 198 16.63 -19.43 -11.32
N ASP D 199 17.37 -20.39 -11.86
CA ASP D 199 18.64 -20.08 -12.53
C ASP D 199 18.44 -19.25 -13.80
N LEU D 200 17.38 -19.53 -14.58
CA LEU D 200 17.09 -18.68 -15.72
C LEU D 200 16.89 -17.22 -15.29
N MET D 201 16.05 -16.99 -14.27
CA MET D 201 15.79 -15.59 -13.89
C MET D 201 17.09 -14.93 -13.44
N HIS D 202 17.93 -15.67 -12.73
CA HIS D 202 19.23 -15.14 -12.29
C HIS D 202 20.11 -14.79 -13.49
N LYS D 203 20.26 -15.71 -14.44
CA LYS D 203 21.09 -15.43 -15.62
C LYS D 203 20.55 -14.25 -16.41
N MET D 204 19.22 -14.12 -16.50
CA MET D 204 18.69 -13.07 -17.37
C MET D 204 18.86 -11.69 -16.76
N ARG D 205 19.32 -11.60 -15.51
CA ARG D 205 19.72 -10.32 -14.95
C ARG D 205 20.94 -9.72 -15.67
N TYR D 206 21.72 -10.54 -16.37
CA TYR D 206 22.93 -10.11 -17.05
C TYR D 206 22.63 -9.66 -18.48
N THR D 207 21.68 -8.73 -18.63
CA THR D 207 21.26 -8.24 -19.95
C THR D 207 20.96 -6.74 -19.87
N GLU D 208 21.25 -6.06 -20.98
CA GLU D 208 20.94 -4.64 -21.09
C GLU D 208 19.45 -4.37 -20.98
N ALA D 209 18.59 -5.34 -21.34
CA ALA D 209 17.15 -5.13 -21.20
C ALA D 209 16.72 -4.81 -19.77
N ARG D 210 17.52 -5.21 -18.77
CA ARG D 210 17.19 -4.94 -17.38
C ARG D 210 17.23 -3.46 -17.03
N LEU D 211 17.90 -2.67 -17.86
CA LEU D 211 17.86 -1.22 -17.76
C LEU D 211 16.55 -0.61 -18.23
N HIS D 212 15.55 -1.40 -18.61
CA HIS D 212 14.32 -0.88 -19.24
C HIS D 212 13.11 -1.56 -18.63
N VAL D 213 13.09 -1.59 -17.29
CA VAL D 213 12.11 -2.34 -16.50
C VAL D 213 11.54 -1.43 -15.43
N ARG D 214 10.21 -1.47 -15.25
CA ARG D 214 9.51 -0.67 -14.23
C ARG D 214 8.80 -1.52 -13.19
N GLU D 215 8.17 -2.63 -13.59
CA GLU D 215 7.51 -3.54 -12.68
C GLU D 215 7.60 -4.97 -13.20
N GLU D 216 7.62 -5.91 -12.25
CA GLU D 216 7.63 -7.35 -12.57
C GLU D 216 7.13 -8.18 -11.40
N THR D 217 6.32 -7.62 -10.50
CA THR D 217 5.69 -8.34 -9.41
C THR D 217 4.20 -8.09 -9.35
N PRO D 218 3.41 -9.00 -8.76
CA PRO D 218 3.82 -10.18 -7.97
C PRO D 218 4.17 -11.42 -8.76
N PHE D 219 5.08 -12.23 -8.20
CA PHE D 219 5.39 -13.55 -8.72
C PHE D 219 4.46 -14.61 -8.14
N PHE D 220 4.06 -15.56 -8.99
CA PHE D 220 3.36 -16.76 -8.54
C PHE D 220 4.07 -17.98 -9.09
N THR D 221 4.47 -18.88 -8.19
CA THR D 221 5.27 -20.04 -8.53
C THR D 221 4.68 -21.27 -7.87
N GLY D 222 4.53 -22.34 -8.65
CA GLY D 222 3.99 -23.55 -8.05
C GLY D 222 4.07 -24.74 -8.98
N ARG D 223 3.42 -25.80 -8.55
CA ARG D 223 3.54 -27.12 -9.13
C ARG D 223 2.23 -27.50 -9.80
N ARG D 224 2.33 -27.93 -11.05
CA ARG D 224 1.16 -28.36 -11.78
C ARG D 224 0.67 -29.70 -11.25
N VAL D 225 -0.59 -29.74 -10.82
CA VAL D 225 -1.17 -30.99 -10.34
C VAL D 225 -1.68 -31.79 -11.52
N SER D 226 -1.62 -33.12 -11.39
CA SER D 226 -2.14 -34.04 -12.39
C SER D 226 -3.66 -34.15 -12.33
N GLU D 227 -4.25 -33.73 -11.23
CA GLU D 227 -5.61 -34.09 -10.85
C GLU D 227 -6.03 -33.09 -9.79
N VAL D 228 -7.27 -32.61 -9.86
CA VAL D 228 -7.69 -31.57 -8.92
C VAL D 228 -7.82 -32.14 -7.50
N SER D 229 -8.01 -33.46 -7.39
CA SER D 229 -7.82 -34.18 -6.13
C SER D 229 -6.64 -33.65 -5.35
N GLU D 230 -5.48 -33.55 -6.01
CA GLU D 230 -4.22 -33.27 -5.32
C GLU D 230 -4.22 -31.88 -4.72
N LEU D 231 -4.87 -30.94 -5.39
CA LEU D 231 -4.90 -29.58 -4.87
C LEU D 231 -5.87 -29.48 -3.70
N VAL D 232 -7.11 -29.96 -3.90
CA VAL D 232 -8.14 -29.81 -2.88
C VAL D 232 -7.66 -30.38 -1.56
N ASN D 233 -7.10 -31.59 -1.59
CA ASN D 233 -6.75 -32.26 -0.35
C ASN D 233 -5.65 -31.54 0.42
N VAL D 234 -4.96 -30.58 -0.19
CA VAL D 234 -3.86 -29.90 0.49
C VAL D 234 -4.27 -28.57 1.10
N LEU D 235 -5.39 -28.00 0.67
CA LEU D 235 -5.75 -26.67 1.10
C LEU D 235 -6.06 -26.65 2.59
N PRO D 236 -5.88 -25.51 3.25
CA PRO D 236 -6.39 -25.37 4.61
C PRO D 236 -7.90 -25.55 4.61
N GLY D 237 -8.39 -26.28 5.61
CA GLY D 237 -9.82 -26.46 5.78
C GLY D 237 -10.48 -25.24 6.42
N MET E 15 25.48 -30.29 -2.88
CA MET E 15 24.46 -29.95 -1.89
C MET E 15 23.44 -28.92 -2.40
N GLN E 16 22.21 -29.37 -2.63
CA GLN E 16 21.10 -28.50 -3.04
C GLN E 16 20.09 -28.40 -1.90
N ARG E 17 19.70 -27.17 -1.56
CA ARG E 17 18.75 -26.96 -0.48
C ARG E 17 17.85 -25.79 -0.79
N TYR E 18 16.54 -25.99 -0.63
CA TYR E 18 15.59 -24.88 -0.58
C TYR E 18 15.44 -24.48 0.89
N SER E 19 15.36 -23.18 1.14
CA SER E 19 15.14 -22.64 2.48
C SER E 19 13.93 -21.75 2.48
N GLN E 20 13.08 -21.91 3.49
CA GLN E 20 11.88 -21.08 3.66
C GLN E 20 11.83 -20.49 5.07
N PHE E 21 11.62 -19.18 5.14
CA PHE E 21 11.19 -18.47 6.34
C PHE E 21 9.68 -18.24 6.24
N ALA E 22 8.91 -18.99 7.01
CA ALA E 22 7.45 -18.80 7.04
C ALA E 22 7.07 -17.99 8.27
N VAL E 23 6.63 -16.75 8.04
CA VAL E 23 6.31 -15.81 9.11
C VAL E 23 4.80 -15.80 9.31
N PHE E 24 4.37 -16.02 10.53
CA PHE E 24 2.97 -16.06 10.92
C PHE E 24 2.58 -14.94 11.89
N ARG E 25 1.30 -14.60 11.84
CA ARG E 25 0.66 -13.58 12.63
C ARG E 25 -0.38 -14.27 13.47
N ALA E 26 -0.36 -14.03 14.77
CA ALA E 26 -1.36 -14.59 15.66
C ALA E 26 -2.66 -13.79 15.58
N ILE E 27 -3.78 -14.50 15.56
CA ILE E 27 -5.11 -13.88 15.48
C ILE E 27 -5.59 -13.74 16.92
N PRO E 28 -5.57 -12.54 17.52
CA PRO E 28 -6.05 -12.42 18.90
C PRO E 28 -7.51 -12.85 18.98
N GLY E 29 -7.81 -13.68 19.98
CA GLY E 29 -9.11 -14.29 20.13
C GLY E 29 -9.19 -15.73 19.63
N ALA E 30 -8.22 -16.17 18.84
CA ALA E 30 -8.33 -17.45 18.16
C ALA E 30 -7.73 -18.59 18.96
N LEU E 31 -6.81 -18.31 19.87
CA LEU E 31 -6.03 -19.33 20.56
C LEU E 31 -6.45 -19.54 22.01
N GLY E 32 -7.12 -18.56 22.61
CA GLY E 32 -7.57 -18.73 23.97
C GLY E 32 -6.37 -18.90 24.88
N SER E 33 -6.64 -19.44 26.07
CA SER E 33 -5.59 -19.80 27.00
C SER E 33 -5.75 -21.25 27.43
N ASP E 34 -6.52 -22.02 26.67
CA ASP E 34 -6.45 -23.47 26.64
C ASP E 34 -5.46 -23.91 25.56
N ARG E 35 -4.20 -23.62 25.81
CA ARG E 35 -3.17 -23.85 24.83
C ARG E 35 -2.48 -25.18 24.98
N ALA E 36 -2.77 -25.91 26.06
CA ALA E 36 -1.99 -27.10 26.34
C ALA E 36 -2.14 -28.13 25.22
N GLU E 37 -3.38 -28.39 24.82
CA GLU E 37 -3.63 -29.29 23.70
C GLU E 37 -3.00 -28.76 22.41
N ILE E 38 -3.04 -27.45 22.19
CA ILE E 38 -2.52 -26.88 20.95
C ILE E 38 -1.00 -27.06 20.89
N VAL E 39 -0.32 -26.83 22.01
CA VAL E 39 1.12 -27.00 22.07
C VAL E 39 1.49 -28.44 21.78
N ALA E 40 0.87 -29.37 22.51
CA ALA E 40 1.20 -30.78 22.34
C ALA E 40 0.96 -31.23 20.90
N GLN E 41 -0.14 -30.78 20.28
CA GLN E 41 -0.41 -31.16 18.90
C GLN E 41 0.65 -30.59 17.97
N ALA E 42 1.07 -29.35 18.22
CA ALA E 42 2.07 -28.74 17.37
C ALA E 42 3.43 -29.39 17.57
N GLN E 43 3.79 -29.70 18.82
CA GLN E 43 5.06 -30.40 19.03
C GLN E 43 5.03 -31.75 18.32
N SER E 44 3.87 -32.40 18.30
CA SER E 44 3.77 -33.69 17.62
C SER E 44 4.00 -33.53 16.12
N PHE E 45 3.42 -32.48 15.52
CA PHE E 45 3.69 -32.19 14.11
C PHE E 45 5.18 -32.08 13.87
N PHE E 46 5.86 -31.25 14.67
CA PHE E 46 7.28 -31.04 14.45
C PHE E 46 8.08 -32.29 14.69
N ASP E 47 7.77 -33.05 15.76
CA ASP E 47 8.47 -34.30 15.97
C ASP E 47 8.30 -35.23 14.77
N GLY E 48 7.12 -35.22 14.15
CA GLY E 48 6.90 -36.07 12.99
C GLY E 48 7.67 -35.63 11.76
N LEU E 49 7.82 -34.31 11.57
CA LEU E 49 8.69 -33.84 10.50
C LEU E 49 10.11 -34.35 10.68
N GLU E 50 10.65 -34.21 11.90
CA GLU E 50 11.97 -34.75 12.21
C GLU E 50 12.06 -36.23 11.83
N THR E 51 11.03 -36.99 12.14
CA THR E 51 11.02 -38.42 11.85
C THR E 51 11.16 -38.67 10.36
N ALA E 52 10.35 -37.98 9.56
CA ALA E 52 10.31 -38.28 8.13
C ALA E 52 11.64 -38.00 7.46
N GLY E 53 12.42 -37.05 7.98
CA GLY E 53 13.78 -36.82 7.51
C GLY E 53 13.93 -35.99 6.25
N LYS E 54 12.87 -35.36 5.76
CA LYS E 54 12.93 -34.52 4.57
C LYS E 54 13.11 -33.04 4.88
N VAL E 55 12.37 -32.51 5.85
CA VAL E 55 12.36 -31.09 6.16
C VAL E 55 13.05 -30.90 7.49
N GLU E 56 14.13 -30.13 7.50
CA GLU E 56 14.86 -29.83 8.72
C GLU E 56 14.46 -28.43 9.19
N VAL E 57 13.99 -28.33 10.44
CA VAL E 57 13.67 -27.06 11.06
C VAL E 57 14.93 -26.52 11.71
N ARG E 58 15.45 -25.42 11.19
CA ARG E 58 16.61 -24.77 11.76
C ARG E 58 16.26 -24.03 13.04
N GLY E 59 15.06 -23.47 13.12
CA GLY E 59 14.63 -22.74 14.29
C GLY E 59 13.17 -22.38 14.21
N ILE E 60 12.54 -22.23 15.36
CA ILE E 60 11.33 -21.44 15.51
C ILE E 60 11.70 -20.17 16.27
N TYR E 61 11.12 -19.04 15.87
CA TYR E 61 11.54 -17.75 16.40
C TYR E 61 10.36 -16.94 16.93
N ASP E 62 10.54 -16.38 18.13
CA ASP E 62 9.62 -15.40 18.72
C ASP E 62 9.91 -14.03 18.13
N LEU E 63 8.97 -13.52 17.31
CA LEU E 63 9.12 -12.19 16.72
C LEU E 63 8.41 -11.11 17.55
N ALA E 64 7.88 -11.46 18.72
CA ALA E 64 7.12 -10.52 19.52
C ALA E 64 7.85 -9.20 19.65
N GLY E 65 7.17 -8.14 19.23
CA GLY E 65 7.68 -6.79 19.35
C GLY E 65 8.57 -6.32 18.22
N CYS E 66 8.79 -7.13 17.20
CA CYS E 66 9.60 -6.66 16.08
C CYS E 66 8.80 -5.71 15.21
N ARG E 67 7.60 -6.13 14.79
CA ARG E 67 6.80 -5.35 13.87
C ARG E 67 5.34 -5.74 14.09
N ALA E 68 4.47 -4.81 13.77
CA ALA E 68 3.05 -5.15 13.75
C ALA E 68 2.79 -6.20 12.68
N GLU E 69 1.84 -7.07 12.94
CA GLU E 69 1.38 -8.06 11.95
C GLU E 69 2.32 -9.25 11.76
N ALA E 70 3.27 -9.47 12.65
CA ALA E 70 4.05 -10.70 12.66
C ALA E 70 4.23 -11.10 14.13
N ASP E 71 4.26 -12.40 14.39
CA ASP E 71 4.46 -12.90 15.77
C ASP E 71 5.45 -14.03 15.89
N PHE E 72 5.54 -14.91 14.90
CA PHE E 72 6.52 -15.99 14.94
C PHE E 72 6.88 -16.41 13.52
N MET E 73 8.00 -17.10 13.44
CA MET E 73 8.61 -17.48 12.18
C MET E 73 9.14 -18.90 12.30
N ILE E 74 8.95 -19.71 11.25
CA ILE E 74 9.55 -21.02 11.15
C ILE E 74 10.62 -20.93 10.06
N TRP E 75 11.82 -21.43 10.36
CA TRP E 75 12.87 -21.58 9.37
C TRP E 75 13.07 -23.06 9.12
N TRP E 76 12.63 -23.53 7.96
CA TRP E 76 12.91 -24.91 7.60
C TRP E 76 13.49 -25.05 6.19
N ILE E 77 14.12 -26.20 5.98
CA ILE E 77 15.05 -26.45 4.87
C ILE E 77 14.81 -27.85 4.31
N ALA E 78 14.87 -27.98 2.98
CA ALA E 78 14.69 -29.29 2.36
C ALA E 78 15.39 -29.34 1.02
N GLU E 79 15.63 -30.57 0.55
CA GLU E 79 16.29 -30.73 -0.73
C GLU E 79 15.35 -30.37 -1.88
N GLU E 80 14.04 -30.55 -1.71
CA GLU E 80 13.09 -30.28 -2.79
C GLU E 80 11.97 -29.37 -2.30
N PHE E 81 11.63 -28.38 -3.13
CA PHE E 81 10.66 -27.38 -2.69
C PHE E 81 9.31 -28.01 -2.39
N GLU E 82 8.89 -29.05 -3.12
CA GLU E 82 7.58 -29.63 -2.87
C GLU E 82 7.51 -30.28 -1.49
N GLU E 83 8.66 -30.64 -0.91
CA GLU E 83 8.68 -31.11 0.46
C GLU E 83 8.35 -29.97 1.43
N ILE E 84 8.84 -28.76 1.14
CA ILE E 84 8.48 -27.63 2.00
C ILE E 84 7.01 -27.27 1.81
N GLN E 85 6.51 -27.29 0.56
CA GLN E 85 5.09 -27.00 0.33
C GLN E 85 4.23 -27.95 1.13
N ALA E 86 4.64 -29.21 1.18
CA ALA E 86 3.84 -30.23 1.86
C ALA E 86 3.80 -29.96 3.35
N ALA E 87 4.98 -29.67 3.94
CA ALA E 87 5.10 -29.36 5.35
C ALA E 87 4.36 -28.09 5.72
N PHE E 88 4.56 -27.02 4.95
CA PHE E 88 3.84 -25.78 5.16
C PHE E 88 2.33 -26.00 5.09
N ALA E 89 1.87 -26.71 4.07
CA ALA E 89 0.44 -26.98 3.93
C ALA E 89 -0.08 -27.84 5.07
N ARG E 90 0.66 -28.90 5.46
CA ARG E 90 0.24 -29.72 6.60
C ARG E 90 0.14 -28.91 7.90
N PHE E 91 1.10 -28.01 8.13
CA PHE E 91 1.04 -27.19 9.33
C PHE E 91 -0.25 -26.37 9.40
N ARG E 92 -0.62 -25.75 8.28
CA ARG E 92 -1.81 -24.93 8.31
C ARG E 92 -3.09 -25.76 8.30
N ARG E 93 -3.02 -26.97 7.78
CA ARG E 93 -4.18 -27.82 7.58
C ARG E 93 -4.47 -28.70 8.78
N GLU E 94 -3.44 -29.20 9.46
CA GLU E 94 -3.65 -30.28 10.40
C GLU E 94 -3.28 -29.95 11.84
N THR E 95 -2.79 -28.75 12.13
CA THR E 95 -2.53 -28.31 13.50
C THR E 95 -3.37 -27.10 13.79
N VAL E 96 -4.01 -27.10 14.94
CA VAL E 96 -4.80 -25.95 15.33
C VAL E 96 -3.93 -24.69 15.35
N LEU E 97 -2.67 -24.82 15.78
CA LEU E 97 -1.81 -23.62 15.78
C LEU E 97 -1.77 -23.01 14.39
N GLY E 98 -1.71 -23.86 13.36
CA GLY E 98 -1.69 -23.39 11.98
C GLY E 98 -3.04 -22.87 11.53
N GLN E 99 -4.12 -23.49 12.01
CA GLN E 99 -5.45 -23.03 11.60
C GLN E 99 -5.76 -21.64 12.16
N VAL E 100 -5.30 -21.33 13.37
CA VAL E 100 -5.66 -20.08 14.03
C VAL E 100 -4.60 -18.99 13.84
N SER E 101 -3.67 -19.21 12.93
CA SER E 101 -2.60 -18.27 12.63
C SER E 101 -2.73 -17.83 11.18
N GLU E 102 -2.36 -16.59 10.89
CA GLU E 102 -2.35 -16.10 9.51
C GLU E 102 -0.94 -16.10 8.94
N VAL E 103 -0.84 -16.45 7.66
CA VAL E 103 0.44 -16.32 6.97
C VAL E 103 0.69 -14.84 6.74
N ALA E 104 1.78 -14.34 7.29
CA ALA E 104 2.14 -12.95 7.10
C ALA E 104 3.02 -12.74 5.86
N TRP E 105 3.96 -13.64 5.64
CA TRP E 105 5.03 -13.45 4.67
C TRP E 105 5.86 -14.72 4.57
N LEU E 106 6.29 -15.01 3.35
CA LEU E 106 7.12 -16.18 3.06
C LEU E 106 8.36 -15.72 2.32
N GLY E 107 9.52 -16.04 2.88
CA GLY E 107 10.77 -15.78 2.21
C GLY E 107 11.43 -17.08 1.76
N ASN E 108 11.38 -17.33 0.45
CA ASN E 108 11.86 -18.57 -0.14
C ASN E 108 13.20 -18.37 -0.83
N SER E 109 14.05 -19.41 -0.82
CA SER E 109 15.34 -19.29 -1.47
C SER E 109 15.92 -20.67 -1.79
N LEU E 110 16.93 -20.66 -2.67
CA LEU E 110 17.54 -21.87 -3.19
C LEU E 110 19.05 -21.70 -3.16
N HIS E 111 19.74 -22.56 -2.42
CA HIS E 111 21.17 -22.33 -2.24
C HIS E 111 21.94 -22.55 -3.54
N ARG E 112 22.81 -21.59 -3.87
CA ARG E 112 23.63 -21.58 -5.07
C ARG E 112 25.01 -21.07 -4.70
N PRO E 113 26.07 -21.57 -5.36
CA PRO E 113 27.43 -21.11 -5.04
C PRO E 113 27.65 -19.66 -5.43
N ALA E 114 28.44 -18.96 -4.63
CA ALA E 114 28.62 -17.52 -4.82
C ALA E 114 29.29 -17.24 -6.16
N GLU E 115 29.12 -16.00 -6.63
CA GLU E 115 29.53 -15.63 -7.98
C GLU E 115 31.04 -15.67 -8.16
N PHE E 116 31.78 -15.14 -7.18
CA PHE E 116 33.23 -15.04 -7.27
C PHE E 116 33.94 -15.91 -6.24
N ASN E 117 33.69 -15.69 -4.94
CA ASN E 117 34.37 -16.45 -3.89
C ASN E 117 33.53 -17.68 -3.56
N ARG E 118 33.99 -18.83 -4.03
CA ARG E 118 33.31 -20.11 -3.81
C ARG E 118 33.46 -20.63 -2.38
N SER E 119 34.19 -19.94 -1.50
CA SER E 119 34.28 -20.33 -0.10
C SER E 119 33.07 -19.88 0.69
N HIS E 120 32.42 -18.80 0.27
CA HIS E 120 31.32 -18.20 1.02
C HIS E 120 30.11 -19.13 0.93
N LEU E 121 29.89 -19.91 2.00
CA LEU E 121 28.73 -20.80 2.07
C LEU E 121 27.81 -20.39 3.20
N PRO E 122 26.48 -20.51 3.03
CA PRO E 122 25.56 -20.10 4.10
C PRO E 122 25.76 -20.90 5.39
N SER E 123 25.45 -20.26 6.52
CA SER E 123 25.66 -20.91 7.81
C SER E 123 24.90 -22.24 7.89
N PHE E 124 23.69 -22.29 7.35
CA PHE E 124 22.93 -23.54 7.40
C PHE E 124 23.49 -24.59 6.48
N ILE E 125 24.20 -24.19 5.41
CA ILE E 125 24.81 -25.18 4.53
C ILE E 125 26.04 -25.81 5.22
N MET E 126 26.82 -24.99 5.95
CA MET E 126 27.94 -25.46 6.78
C MET E 126 27.49 -26.26 8.02
N GLY E 127 26.19 -26.42 8.23
CA GLY E 127 25.72 -27.05 9.45
C GLY E 127 26.27 -26.44 10.71
N GLU E 128 26.36 -25.11 10.77
CA GLU E 128 26.76 -24.45 12.01
C GLU E 128 25.59 -24.37 12.97
N ILE E 129 25.91 -24.24 14.26
CA ILE E 129 24.86 -24.12 15.28
C ILE E 129 24.03 -22.87 15.01
N PRO E 130 22.71 -22.91 15.08
CA PRO E 130 21.91 -21.71 14.81
C PRO E 130 22.12 -20.61 15.85
N GLY E 131 22.00 -19.37 15.42
CA GLY E 131 22.16 -18.28 16.35
C GLY E 131 20.98 -18.17 17.29
N ASP E 132 21.27 -17.66 18.49
CA ASP E 132 20.22 -17.32 19.45
C ASP E 132 19.26 -16.26 18.88
N TRP E 133 19.79 -15.32 18.12
CA TRP E 133 19.06 -14.21 17.53
C TRP E 133 19.23 -14.22 16.01
N ILE E 134 18.17 -13.79 15.29
CA ILE E 134 18.17 -13.80 13.83
C ILE E 134 17.50 -12.53 13.30
N THR E 135 18.01 -12.05 12.16
CA THR E 135 17.33 -11.06 11.36
C THR E 135 17.26 -11.61 9.93
N VAL E 136 16.07 -11.60 9.36
CA VAL E 136 15.82 -12.13 8.02
C VAL E 136 15.25 -10.99 7.20
N TYR E 137 15.72 -10.83 5.97
CA TYR E 137 15.06 -9.87 5.09
C TYR E 137 15.31 -10.26 3.66
N PRO E 138 14.40 -9.90 2.77
CA PRO E 138 14.60 -10.11 1.32
C PRO E 138 15.46 -9.00 0.75
N PHE E 139 15.98 -9.23 -0.46
CA PHE E 139 16.87 -8.24 -1.07
C PHE E 139 16.68 -8.19 -2.58
N VAL E 140 16.76 -6.97 -3.12
CA VAL E 140 16.72 -6.71 -4.55
C VAL E 140 17.82 -5.70 -4.89
N ARG E 141 18.72 -6.07 -5.82
CA ARG E 141 19.77 -5.19 -6.29
C ARG E 141 19.26 -4.18 -7.31
N SER E 142 20.05 -3.14 -7.54
CA SER E 142 19.78 -2.18 -8.60
C SER E 142 19.68 -2.87 -9.96
N TYR E 143 18.95 -2.24 -10.88
CA TYR E 143 18.79 -2.79 -12.22
C TYR E 143 20.13 -3.01 -12.92
N ASP E 144 21.12 -2.15 -12.66
CA ASP E 144 22.41 -2.19 -13.34
C ASP E 144 23.45 -3.06 -12.67
N TRP E 145 23.10 -3.75 -11.60
CA TRP E 145 24.08 -4.46 -10.79
C TRP E 145 24.72 -5.60 -11.56
N TYR E 146 23.91 -6.45 -12.18
CA TYR E 146 24.44 -7.68 -12.77
C TYR E 146 25.14 -7.42 -14.09
N ILE E 147 24.76 -6.39 -14.83
CA ILE E 147 25.48 -6.07 -16.06
C ILE E 147 26.68 -5.17 -15.79
N MET E 148 26.86 -4.71 -14.56
CA MET E 148 28.05 -3.96 -14.22
C MET E 148 29.28 -4.76 -14.65
N ASP E 149 30.36 -4.06 -14.94
CA ASP E 149 31.60 -4.74 -15.27
C ASP E 149 31.95 -5.76 -14.19
N PRO E 150 32.37 -6.97 -14.57
CA PRO E 150 32.47 -8.05 -13.57
C PRO E 150 33.51 -7.86 -12.49
N GLN E 151 34.71 -7.41 -12.84
CA GLN E 151 35.72 -7.20 -11.80
C GLN E 151 35.37 -6.00 -10.94
N LYS E 152 34.52 -5.09 -11.45
CA LYS E 152 33.98 -4.02 -10.63
C LYS E 152 33.04 -4.57 -9.56
N ARG E 153 32.15 -5.48 -9.96
CA ARG E 153 31.26 -6.11 -8.99
C ARG E 153 32.04 -7.01 -8.04
N ARG E 154 33.02 -7.74 -8.54
CA ARG E 154 33.84 -8.56 -7.67
C ARG E 154 34.51 -7.71 -6.61
N LYS E 155 35.08 -6.58 -7.03
CA LYS E 155 35.76 -5.66 -6.12
C LYS E 155 34.80 -5.11 -5.06
N ILE E 156 33.62 -4.68 -5.49
CA ILE E 156 32.62 -4.15 -4.54
C ILE E 156 32.24 -5.24 -3.54
N LEU E 157 31.99 -6.46 -4.04
CA LEU E 157 31.60 -7.54 -3.14
C LEU E 157 32.73 -7.93 -2.18
N ALA E 158 33.97 -7.82 -2.60
CA ALA E 158 35.07 -8.18 -1.70
C ALA E 158 35.23 -7.14 -0.60
N GLU E 159 35.10 -5.85 -0.96
CA GLU E 159 35.23 -4.77 0.01
C GLU E 159 34.04 -4.78 0.95
N HIS E 160 32.90 -5.19 0.43
CA HIS E 160 31.72 -5.37 1.25
C HIS E 160 31.92 -6.50 2.26
N GLY E 161 32.44 -7.64 1.82
CA GLY E 161 32.80 -8.69 2.76
C GLY E 161 33.82 -8.25 3.78
N GLN E 162 34.85 -7.51 3.35
CA GLN E 162 35.86 -7.02 4.27
C GLN E 162 35.25 -6.15 5.36
N ALA E 163 34.10 -5.54 5.09
CA ALA E 163 33.50 -4.63 6.05
C ALA E 163 32.91 -5.34 7.25
N ALA E 164 32.76 -6.67 7.18
CA ALA E 164 32.23 -7.48 8.28
C ALA E 164 33.31 -8.21 9.07
N ARG E 165 34.58 -7.81 8.93
CA ARG E 165 35.67 -8.57 9.52
C ARG E 165 35.57 -8.63 11.04
N ASP E 166 35.14 -7.53 11.66
CA ASP E 166 35.02 -7.42 13.10
C ASP E 166 33.86 -8.20 13.69
N PHE E 167 33.11 -8.93 12.86
CA PHE E 167 31.89 -9.63 13.28
C PHE E 167 31.93 -11.09 12.90
N PRO E 168 32.95 -11.83 13.35
CA PRO E 168 32.99 -13.27 13.03
C PRO E 168 31.94 -14.05 13.78
N ASP E 169 31.37 -13.50 14.85
CA ASP E 169 30.33 -14.17 15.60
C ASP E 169 28.95 -14.05 14.96
N VAL E 170 28.79 -13.20 13.94
CA VAL E 170 27.55 -13.09 13.20
C VAL E 170 27.67 -13.96 11.95
N ARG E 171 26.76 -14.92 11.79
CA ARG E 171 26.85 -15.87 10.68
C ARG E 171 25.88 -15.48 9.57
N ALA E 172 26.37 -15.44 8.33
CA ALA E 172 25.61 -15.00 7.18
C ALA E 172 24.93 -16.17 6.48
N ASN E 173 23.80 -15.87 5.84
CA ASN E 173 23.04 -16.81 5.00
C ASN E 173 22.47 -15.97 3.83
N THR E 174 23.25 -15.82 2.76
CA THR E 174 22.87 -15.04 1.58
C THR E 174 22.59 -16.00 0.41
N VAL E 175 21.31 -16.13 0.05
CA VAL E 175 20.85 -17.22 -0.81
C VAL E 175 19.96 -16.68 -1.93
N PRO E 176 20.10 -17.18 -3.16
CA PRO E 176 19.25 -16.69 -4.26
C PRO E 176 17.78 -16.97 -4.04
N ALA E 177 16.94 -16.00 -4.42
CA ALA E 177 15.48 -16.08 -4.28
C ALA E 177 14.72 -15.81 -5.59
N PHE E 178 15.43 -15.62 -6.69
CA PHE E 178 14.82 -15.37 -7.99
C PHE E 178 13.69 -16.35 -8.27
N ALA E 179 12.54 -15.82 -8.69
CA ALA E 179 11.36 -16.58 -9.09
C ALA E 179 10.69 -17.38 -7.96
N LEU E 180 11.09 -17.19 -6.71
CA LEU E 180 10.46 -17.89 -5.58
C LEU E 180 9.63 -16.95 -4.73
N GLY E 181 9.19 -15.87 -5.36
CA GLY E 181 8.60 -14.72 -4.75
C GLY E 181 9.09 -13.49 -5.48
N ASP E 182 8.98 -12.35 -4.80
CA ASP E 182 9.15 -11.05 -5.42
C ASP E 182 10.58 -10.54 -5.41
N TYR E 183 11.54 -11.32 -4.91
CA TYR E 183 12.86 -10.81 -4.61
C TYR E 183 13.98 -11.56 -5.35
N GLU E 184 15.20 -11.06 -5.18
CA GLU E 184 16.40 -11.63 -5.76
C GLU E 184 17.21 -12.50 -4.80
N TRP E 185 17.29 -12.10 -3.53
CA TRP E 185 18.10 -12.80 -2.53
C TRP E 185 17.29 -12.87 -1.26
N MET E 186 17.54 -13.91 -0.46
CA MET E 186 17.10 -13.96 0.93
C MET E 186 18.34 -13.88 1.81
N LEU E 187 18.31 -12.96 2.78
CA LEU E 187 19.40 -12.89 3.75
C LEU E 187 18.90 -13.17 5.16
N ALA E 188 19.77 -13.81 5.94
CA ALA E 188 19.49 -14.16 7.32
C ALA E 188 20.81 -14.08 8.05
N PHE E 189 20.89 -13.27 9.10
CA PHE E 189 22.09 -13.18 9.91
C PHE E 189 21.77 -13.69 11.30
N GLU E 190 22.63 -14.57 11.80
CA GLU E 190 22.45 -15.27 13.06
C GLU E 190 23.56 -14.89 14.03
N ALA E 191 23.23 -14.66 15.28
CA ALA E 191 24.27 -14.23 16.22
C ALA E 191 23.83 -14.56 17.64
N PRO E 192 24.79 -14.58 18.58
CA PRO E 192 24.43 -14.86 19.98
C PRO E 192 23.76 -13.69 20.67
N ARG E 193 23.99 -12.46 20.21
CA ARG E 193 23.45 -11.26 20.80
C ARG E 193 22.87 -10.38 19.69
N LEU E 194 21.69 -9.81 19.97
CA LEU E 194 21.01 -8.99 18.96
C LEU E 194 21.83 -7.76 18.61
N ASP E 195 22.58 -7.22 19.58
CA ASP E 195 23.29 -5.96 19.36
C ASP E 195 24.43 -6.14 18.38
N ARG E 196 24.89 -7.38 18.18
CA ARG E 196 25.92 -7.62 17.18
C ARG E 196 25.33 -7.54 15.79
N ILE E 197 24.09 -8.00 15.63
CA ILE E 197 23.40 -7.85 14.34
C ILE E 197 23.16 -6.38 14.03
N VAL E 198 22.68 -5.61 15.02
CA VAL E 198 22.46 -4.18 14.80
C VAL E 198 23.75 -3.52 14.34
N ASP E 199 24.86 -3.80 15.04
CA ASP E 199 26.12 -3.12 14.73
C ASP E 199 26.67 -3.58 13.37
N LEU E 200 26.52 -4.86 13.04
CA LEU E 200 27.00 -5.33 11.73
C LEU E 200 26.27 -4.61 10.60
N MET E 201 24.93 -4.60 10.66
N MET E 201 24.94 -4.59 10.66
CA MET E 201 24.12 -3.88 9.68
CA MET E 201 24.15 -3.88 9.66
C MET E 201 24.58 -2.43 9.54
C MET E 201 24.58 -2.43 9.54
N HIS E 202 24.84 -1.77 10.67
CA HIS E 202 25.23 -0.36 10.64
C HIS E 202 26.56 -0.18 9.90
N LYS E 203 27.56 -0.99 10.24
CA LYS E 203 28.86 -0.91 9.58
C LYS E 203 28.76 -1.29 8.11
N MET E 204 27.90 -2.25 7.78
CA MET E 204 27.74 -2.63 6.38
C MET E 204 27.17 -1.48 5.53
N ARG E 205 26.62 -0.43 6.15
CA ARG E 205 26.17 0.73 5.37
C ARG E 205 27.34 1.47 4.75
N TYR E 206 28.54 1.32 5.32
CA TYR E 206 29.73 2.04 4.86
C TYR E 206 30.43 1.30 3.73
N THR E 207 29.68 0.95 2.68
CA THR E 207 30.20 0.12 1.60
C THR E 207 29.69 0.66 0.28
N GLU E 208 30.50 0.52 -0.76
CA GLU E 208 30.08 0.91 -2.11
C GLU E 208 28.88 0.09 -2.60
N ALA E 209 28.71 -1.13 -2.07
CA ALA E 209 27.59 -1.97 -2.45
C ALA E 209 26.24 -1.30 -2.21
N ARG E 210 26.16 -0.42 -1.20
CA ARG E 210 24.91 0.28 -0.89
C ARG E 210 24.44 1.14 -2.04
N LEU E 211 25.31 1.44 -2.99
CA LEU E 211 24.93 2.24 -4.14
C LEU E 211 24.22 1.41 -5.21
N HIS E 212 23.95 0.14 -4.94
CA HIS E 212 23.37 -0.80 -5.90
C HIS E 212 22.30 -1.66 -5.24
N VAL E 213 21.34 -0.98 -4.62
CA VAL E 213 20.23 -1.57 -3.86
C VAL E 213 18.91 -0.95 -4.28
N ARG E 214 17.88 -1.79 -4.46
CA ARG E 214 16.52 -1.30 -4.68
C ARG E 214 15.53 -1.62 -3.57
N GLU E 215 15.65 -2.76 -2.90
CA GLU E 215 14.68 -3.13 -1.85
C GLU E 215 15.37 -4.02 -0.82
N GLU E 216 14.94 -3.88 0.44
CA GLU E 216 15.50 -4.72 1.50
C GLU E 216 14.54 -4.90 2.67
N THR E 217 13.25 -4.77 2.43
CA THR E 217 12.24 -4.92 3.47
C THR E 217 11.14 -5.80 2.92
N PRO E 218 10.34 -6.47 3.80
CA PRO E 218 10.36 -6.36 5.28
C PRO E 218 11.43 -7.17 6.02
N PHE E 219 11.83 -6.63 7.17
CA PHE E 219 12.71 -7.24 8.16
C PHE E 219 11.90 -8.01 9.20
N PHE E 220 12.42 -9.18 9.56
CA PHE E 220 11.88 -9.97 10.67
C PHE E 220 13.04 -10.30 11.60
N THR E 221 12.96 -9.83 12.84
CA THR E 221 14.00 -10.01 13.83
C THR E 221 13.40 -10.70 15.04
N GLY E 222 14.10 -11.71 15.56
CA GLY E 222 13.52 -12.42 16.69
C GLY E 222 14.47 -13.41 17.32
N ARG E 223 13.95 -14.08 18.35
CA ARG E 223 14.73 -14.86 19.30
C ARG E 223 14.35 -16.32 19.11
N ARG E 224 15.37 -17.15 18.93
CA ARG E 224 15.16 -18.56 18.70
C ARG E 224 14.75 -19.23 20.00
N VAL E 225 13.66 -19.98 19.95
CA VAL E 225 13.16 -20.67 21.14
C VAL E 225 13.57 -22.13 21.10
N SER E 226 13.42 -22.80 22.23
CA SER E 226 13.87 -24.18 22.44
C SER E 226 12.89 -25.18 21.88
N GLU E 227 11.60 -24.93 22.08
CA GLU E 227 10.54 -25.83 21.65
C GLU E 227 9.26 -25.01 21.51
N VAL E 228 8.26 -25.65 20.90
CA VAL E 228 7.05 -24.93 20.49
C VAL E 228 6.37 -24.31 21.69
N SER E 229 6.36 -25.00 22.83
CA SER E 229 5.69 -24.50 24.02
C SER E 229 6.16 -23.10 24.39
N GLU E 230 7.46 -22.85 24.26
CA GLU E 230 8.00 -21.56 24.68
C GLU E 230 7.46 -20.43 23.81
N LEU E 231 7.15 -20.74 22.55
CA LEU E 231 6.60 -19.76 21.62
C LEU E 231 5.10 -19.61 21.84
N VAL E 232 4.37 -20.72 21.87
CA VAL E 232 2.92 -20.65 21.96
C VAL E 232 2.49 -19.93 23.24
N ASN E 233 3.23 -20.12 24.35
CA ASN E 233 2.88 -19.49 25.62
C ASN E 233 3.06 -17.98 25.62
N VAL E 234 3.86 -17.43 24.70
CA VAL E 234 4.01 -15.99 24.57
C VAL E 234 2.81 -15.33 23.85
N LEU E 235 2.08 -16.05 23.00
CA LEU E 235 1.25 -15.40 21.99
C LEU E 235 0.01 -14.73 22.60
N PRO E 236 -0.50 -13.68 21.94
CA PRO E 236 -1.67 -12.97 22.48
C PRO E 236 -2.88 -13.87 22.59
N GLY E 237 -3.07 -14.75 21.62
CA GLY E 237 -4.12 -15.74 21.66
C GLY E 237 -5.41 -15.29 22.32
#